data_3K4P
#
_entry.id   3K4P
#
_cell.length_a   71.066
_cell.length_b   87.457
_cell.length_c   82.185
_cell.angle_alpha   90.00
_cell.angle_beta   110.98
_cell.angle_gamma   90.00
#
_symmetry.space_group_name_H-M   'P 1 21 1'
#
loop_
_entity.id
_entity.type
_entity.pdbx_description
1 polymer '3-phytase A'
2 non-polymer 2-acetamido-2-deoxy-beta-D-glucopyranose
3 water water
#
_entity_poly.entity_id   1
_entity_poly.type   'polypeptide(L)'
_entity_poly.pdbx_seq_one_letter_code
;ASRNQSSCDTVDQGYQCFSETSHLWGQYAPFFSLANESVISPEVPAGCRVTFAQVLSRHGARYPTDSKGKKYSALIEEIQ
QNATTFDGKYAFLKTYNYSLGADDLTPFGEQELVNSGIKFYQRYESLTRNIVPFIRSSGSSRVIASGKKFIEGFQSTKLK
DPRAQPGQSSPKIDVVISEASSSNNTLDPGTCTVFEDSELADTVEANFTATFVPSIRQRLENDLSGVTLTDTEVTYLMDM
CSFDTISTSTVDTKLSPFCDLFTHDEWINYDYLQSLKKYYGHGAGNPLGPTQGVGYANELIARLTHSPVHDDTSSNHTLD
SSPATFPLNSTLYADFSHDNGIISILFALGLYNGTKPLSTTTVENITQTDGFSSAWTVPFASRLYVEMMQCQAEQEPLVR
VLVNDRVVPLHGCPVDALGRCTRDSFVRGLSFARSGGDWAECFA
;
_entity_poly.pdbx_strand_id   A,B
#
loop_
_chem_comp.id
_chem_comp.type
_chem_comp.name
_chem_comp.formula
NAG D-saccharide, beta linking 2-acetamido-2-deoxy-beta-D-glucopyranose 'C8 H15 N O6'
#
# COMPACT_ATOMS: atom_id res chain seq x y z
N SER A 7 6.62 3.20 11.25
CA SER A 7 5.79 1.94 11.06
C SER A 7 5.42 1.65 9.59
N CYS A 8 5.64 2.62 8.69
CA CYS A 8 5.71 2.38 7.23
C CYS A 8 7.19 2.35 6.86
N ASP A 9 8.03 2.61 7.86
CA ASP A 9 9.46 2.48 7.74
C ASP A 9 9.94 1.37 8.71
N THR A 10 10.21 0.19 8.18
CA THR A 10 10.60 -0.96 9.00
C THR A 10 12.00 -1.45 8.66
N VAL A 11 12.52 -2.34 9.49
CA VAL A 11 13.82 -2.95 9.19
C VAL A 11 13.70 -3.82 7.96
N ASP A 12 12.60 -4.55 7.86
CA ASP A 12 12.51 -5.57 6.83
C ASP A 12 12.14 -5.04 5.45
N GLN A 13 11.22 -4.08 5.42
CA GLN A 13 10.63 -3.65 4.16
C GLN A 13 11.17 -2.31 3.69
N GLY A 14 11.92 -1.61 4.56
CA GLY A 14 12.66 -0.40 4.19
C GLY A 14 11.72 0.77 4.34
N TYR A 15 11.84 1.77 3.46
CA TYR A 15 11.03 2.97 3.59
C TYR A 15 9.80 2.98 2.71
N GLN A 16 8.66 2.54 3.26
CA GLN A 16 7.40 2.41 2.49
C GLN A 16 6.40 3.56 2.74
N CYS A 17 6.81 4.59 3.46
CA CYS A 17 6.00 5.78 3.61
C CYS A 17 5.99 6.54 2.27
N PHE A 18 4.82 7.09 1.91
CA PHE A 18 4.67 8.01 0.77
C PHE A 18 5.21 7.45 -0.55
N SER A 19 5.01 6.15 -0.73
CA SER A 19 5.73 5.37 -1.73
C SER A 19 5.52 5.86 -3.17
N GLU A 20 4.37 6.50 -3.42
CA GLU A 20 3.99 6.97 -4.76
C GLU A 20 4.84 8.16 -5.21
N THR A 21 5.48 8.83 -4.25
CA THR A 21 6.45 9.88 -4.48
C THR A 21 7.88 9.42 -4.12
N SER A 22 8.07 8.94 -2.89
CA SER A 22 9.42 8.67 -2.35
C SER A 22 10.22 7.62 -3.11
N HIS A 23 9.52 6.73 -3.81
CA HIS A 23 10.14 5.66 -4.60
C HIS A 23 10.63 6.13 -5.98
N LEU A 24 10.24 7.33 -6.39
CA LEU A 24 10.62 7.85 -7.70
C LEU A 24 11.70 8.93 -7.58
N TRP A 25 12.51 8.87 -6.51
CA TRP A 25 13.63 9.82 -6.37
C TRP A 25 14.94 9.18 -6.88
N GLY A 26 14.83 8.09 -7.60
CA GLY A 26 16.06 7.38 -8.06
C GLY A 26 17.04 7.05 -6.97
N GLN A 27 18.27 7.52 -7.12
CA GLN A 27 19.34 7.21 -6.20
C GLN A 27 19.27 8.15 -5.03
N TYR A 28 18.27 9.02 -5.05
CA TYR A 28 17.92 9.81 -3.86
C TYR A 28 16.77 9.18 -3.07
N ALA A 29 16.30 8.00 -3.49
CA ALA A 29 15.22 7.32 -2.77
C ALA A 29 15.80 6.53 -1.64
N PRO A 30 15.14 6.58 -0.48
CA PRO A 30 15.60 5.74 0.64
C PRO A 30 15.40 4.30 0.28
N PHE A 31 16.30 3.42 0.71
CA PHE A 31 16.06 1.98 0.50
C PHE A 31 14.59 1.56 0.72
N PHE A 32 14.02 0.80 -0.23
CA PHE A 32 12.73 0.15 -0.05
C PHE A 32 12.81 -1.21 -0.65
N SER A 33 12.47 -2.25 0.15
CA SER A 33 12.57 -3.63 -0.28
C SER A 33 11.66 -4.01 -1.45
N LEU A 34 12.21 -4.73 -2.41
CA LEU A 34 11.45 -5.12 -3.57
C LEU A 34 10.96 -6.55 -3.45
N ALA A 35 10.91 -7.08 -2.23
CA ALA A 35 10.64 -8.51 -2.03
C ALA A 35 9.28 -8.90 -2.62
N ASN A 36 8.27 -8.04 -2.41
CA ASN A 36 6.91 -8.19 -2.95
C ASN A 36 6.83 -8.10 -4.47
N GLU A 37 7.88 -7.51 -5.05
CA GLU A 37 7.99 -7.36 -6.48
C GLU A 37 8.75 -8.51 -7.14
N SER A 38 9.30 -9.41 -6.31
CA SER A 38 10.08 -10.54 -6.81
C SER A 38 9.13 -11.61 -7.33
N VAL A 39 9.25 -11.96 -8.61
CA VAL A 39 8.43 -13.02 -9.13
C VAL A 39 8.98 -14.36 -8.64
N ILE A 40 10.29 -14.46 -8.48
CA ILE A 40 10.86 -15.68 -7.89
C ILE A 40 10.95 -15.47 -6.39
N SER A 41 10.66 -16.52 -5.63
CA SER A 41 10.66 -16.39 -4.18
C SER A 41 12.08 -16.22 -3.66
N PRO A 42 12.29 -15.20 -2.82
CA PRO A 42 13.60 -15.01 -2.18
C PRO A 42 13.96 -16.12 -1.16
N GLU A 43 12.96 -16.78 -0.59
CA GLU A 43 13.23 -17.92 0.30
C GLU A 43 14.17 -18.99 -0.28
N VAL A 44 14.93 -19.58 0.63
CA VAL A 44 15.82 -20.70 0.34
C VAL A 44 14.95 -21.93 0.04
N PRO A 45 15.18 -22.58 -1.12
CA PRO A 45 14.31 -23.72 -1.41
C PRO A 45 14.58 -24.86 -0.44
N ALA A 46 13.59 -25.74 -0.33
CA ALA A 46 13.73 -26.93 0.47
C ALA A 46 14.80 -27.82 -0.17
N GLY A 47 15.53 -28.54 0.67
CA GLY A 47 16.61 -29.40 0.22
C GLY A 47 17.90 -28.62 0.08
N CYS A 48 17.79 -27.29 0.15
CA CYS A 48 18.89 -26.37 -0.13
C CYS A 48 19.48 -25.68 1.12
N ARG A 49 20.78 -25.50 1.11
CA ARG A 49 21.52 -24.87 2.20
CA ARG A 49 21.42 -24.72 2.16
C ARG A 49 22.50 -23.78 1.69
N VAL A 50 22.38 -22.53 2.16
CA VAL A 50 23.29 -21.45 1.82
C VAL A 50 24.69 -21.67 2.45
N THR A 51 25.73 -21.66 1.63
CA THR A 51 27.09 -21.95 2.11
C THR A 51 28.09 -20.79 1.89
N PHE A 52 27.57 -19.63 1.46
CA PHE A 52 28.36 -18.41 1.04
C PHE A 52 27.37 -17.26 1.02
N ALA A 53 27.74 -16.14 1.63
CA ALA A 53 27.00 -14.89 1.43
C ALA A 53 27.93 -13.69 1.41
N GLN A 54 27.90 -12.96 0.30
CA GLN A 54 28.57 -11.66 0.12
C GLN A 54 27.48 -10.62 -0.02
N VAL A 55 27.64 -9.52 0.70
CA VAL A 55 26.75 -8.37 0.53
C VAL A 55 27.56 -7.17 0.04
N LEU A 56 27.11 -6.53 -1.03
CA LEU A 56 27.64 -5.24 -1.45
C LEU A 56 26.63 -4.13 -1.13
N SER A 57 27.06 -3.11 -0.38
CA SER A 57 26.10 -2.14 0.12
C SER A 57 26.52 -0.73 -0.16
N ARG A 58 25.53 0.13 -0.43
CA ARG A 58 25.80 1.54 -0.65
C ARG A 58 25.80 2.18 0.71
N HIS A 59 26.36 3.38 0.85
CA HIS A 59 26.16 4.14 2.06
C HIS A 59 24.71 4.52 2.22
N GLY A 60 24.40 5.06 3.40
CA GLY A 60 23.02 5.44 3.71
C GLY A 60 22.74 6.82 3.17
N ALA A 61 21.50 7.25 3.37
CA ALA A 61 21.05 8.59 3.09
C ALA A 61 21.99 9.66 3.64
N ARG A 62 22.29 10.65 2.80
CA ARG A 62 23.25 11.69 3.19
C ARG A 62 22.67 13.10 2.99
N TYR A 63 23.22 14.05 3.71
CA TYR A 63 23.07 15.45 3.35
C TYR A 63 23.61 15.74 1.93
N PRO A 64 23.08 16.82 1.29
CA PRO A 64 23.58 17.23 -0.03
C PRO A 64 25.08 17.54 0.00
N THR A 65 25.78 17.37 -1.11
CA THR A 65 27.19 17.72 -1.06
C THR A 65 27.33 19.24 -0.87
N ASP A 66 28.53 19.70 -0.47
CA ASP A 66 28.74 21.11 -0.20
C ASP A 66 28.38 21.99 -1.41
N SER A 67 28.95 21.62 -2.55
CA SER A 67 28.57 22.17 -3.85
C SER A 67 27.06 22.40 -3.98
N LYS A 68 26.30 21.31 -4.05
CA LYS A 68 24.87 21.35 -4.34
C LYS A 68 24.06 22.14 -3.34
N GLY A 69 24.44 22.02 -2.07
CA GLY A 69 23.73 22.72 -0.99
C GLY A 69 23.89 24.24 -1.09
N LYS A 70 25.09 24.68 -1.47
CA LYS A 70 25.35 26.09 -1.74
C LYS A 70 24.24 26.50 -2.69
N LYS A 71 24.23 25.87 -3.86
CA LYS A 71 23.27 26.19 -4.91
C LYS A 71 21.82 26.15 -4.42
N TYR A 72 21.43 25.07 -3.75
CA TYR A 72 20.05 24.96 -3.24
C TYR A 72 19.73 26.17 -2.38
N SER A 73 20.61 26.42 -1.41
CA SER A 73 20.48 27.55 -0.50
C SER A 73 20.41 28.87 -1.27
N ALA A 74 21.35 29.07 -2.20
CA ALA A 74 21.35 30.24 -3.08
C ALA A 74 20.04 30.36 -3.85
N LEU A 75 19.59 29.26 -4.46
CA LEU A 75 18.39 29.30 -5.26
C LEU A 75 17.20 29.76 -4.42
N ILE A 76 17.04 29.20 -3.23
CA ILE A 76 15.88 29.52 -2.38
C ILE A 76 15.91 30.97 -1.86
N GLU A 77 17.10 31.55 -1.71
CA GLU A 77 17.19 32.97 -1.36
C GLU A 77 16.64 33.82 -2.50
N GLU A 78 17.15 33.56 -3.72
CA GLU A 78 16.70 34.22 -4.94
C GLU A 78 15.21 34.08 -5.19
N ILE A 79 14.67 32.91 -4.90
CA ILE A 79 13.24 32.73 -4.97
C ILE A 79 12.52 33.65 -3.97
N GLN A 80 13.08 33.79 -2.77
CA GLN A 80 12.50 34.64 -1.73
C GLN A 80 12.70 36.15 -1.96
N GLN A 81 13.80 36.51 -2.62
CA GLN A 81 14.04 37.92 -2.95
C GLN A 81 13.15 38.45 -4.07
N ASN A 82 12.79 37.59 -5.02
CA ASN A 82 12.16 38.05 -6.26
C ASN A 82 10.63 37.91 -6.32
N ALA A 83 10.09 36.82 -5.78
CA ALA A 83 8.66 36.51 -5.97
C ALA A 83 7.69 37.37 -5.15
N THR A 84 6.48 37.58 -5.68
CA THR A 84 5.50 38.48 -5.05
C THR A 84 4.29 37.73 -4.52
N THR A 85 4.09 36.50 -4.98
CA THR A 85 3.03 35.64 -4.41
C THR A 85 3.50 34.23 -4.04
N PHE A 86 3.72 34.02 -2.75
CA PHE A 86 3.86 32.67 -2.23
C PHE A 86 2.54 32.27 -1.60
N ASP A 87 1.62 31.75 -2.39
CA ASP A 87 0.39 31.23 -1.80
C ASP A 87 -0.05 29.90 -2.41
N GLY A 88 -1.16 29.35 -1.90
CA GLY A 88 -1.51 27.94 -2.14
C GLY A 88 -0.36 27.07 -1.65
N LYS A 89 0.00 26.06 -2.45
CA LYS A 89 1.10 25.15 -2.13
C LYS A 89 2.48 25.82 -2.07
N TYR A 90 2.53 27.10 -2.42
CA TYR A 90 3.80 27.82 -2.43
C TYR A 90 4.13 28.54 -1.14
N ALA A 91 3.14 28.69 -0.28
CA ALA A 91 3.28 29.54 0.92
C ALA A 91 4.56 29.30 1.71
N PHE A 92 4.87 28.02 1.91
CA PHE A 92 6.01 27.57 2.72
C PHE A 92 7.36 28.15 2.30
N LEU A 93 7.47 28.45 1.01
CA LEU A 93 8.72 28.96 0.47
C LEU A 93 9.04 30.34 0.97
N LYS A 94 8.01 31.10 1.39
CA LYS A 94 8.23 32.47 1.85
C LYS A 94 9.29 32.48 2.95
N THR A 95 9.09 31.62 3.95
CA THR A 95 9.90 31.61 5.18
C THR A 95 10.94 30.51 5.23
N TYR A 96 10.79 29.51 4.35
CA TYR A 96 11.70 28.36 4.39
C TYR A 96 13.15 28.74 4.67
N ASN A 97 13.72 28.07 5.67
CA ASN A 97 15.00 28.45 6.28
C ASN A 97 16.00 27.29 6.20
N TYR A 98 16.73 27.25 5.10
CA TYR A 98 17.60 26.14 4.76
C TYR A 98 18.66 25.91 5.86
N SER A 99 18.58 24.74 6.48
CA SER A 99 19.46 24.36 7.58
C SER A 99 20.20 23.03 7.40
N LEU A 100 19.81 22.22 6.41
CA LEU A 100 20.47 20.94 6.08
C LEU A 100 22.01 20.88 6.25
N GLY A 101 22.50 19.71 6.65
CA GLY A 101 23.93 19.49 6.78
C GLY A 101 24.56 19.26 5.44
N ALA A 102 25.81 18.77 5.43
CA ALA A 102 26.57 18.65 4.20
C ALA A 102 27.55 17.48 4.16
N ASP A 103 27.40 16.67 3.10
CA ASP A 103 28.22 15.46 2.85
C ASP A 103 27.93 14.28 3.80
N ASP A 104 27.62 14.60 5.06
CA ASP A 104 27.62 13.62 6.13
C ASP A 104 26.41 12.70 5.97
N LEU A 105 26.46 11.53 6.57
CA LEU A 105 25.30 10.66 6.71
C LEU A 105 24.25 11.41 7.59
N THR A 106 22.97 11.19 7.36
CA THR A 106 21.94 11.76 8.25
C THR A 106 21.49 10.76 9.35
N PRO A 107 20.82 11.25 10.43
CA PRO A 107 20.43 10.23 11.42
C PRO A 107 19.72 9.09 10.75
N PHE A 108 18.73 9.42 9.92
CA PHE A 108 18.01 8.43 9.12
C PHE A 108 18.96 7.52 8.30
N GLY A 109 19.86 8.12 7.52
CA GLY A 109 20.86 7.34 6.80
C GLY A 109 21.64 6.37 7.68
N GLU A 110 21.90 6.76 8.89
CA GLU A 110 22.63 5.97 9.87
C GLU A 110 21.80 4.76 10.23
N GLN A 111 20.55 5.00 10.62
CA GLN A 111 19.63 3.96 11.00
C GLN A 111 19.39 2.94 9.87
N GLU A 112 19.34 3.41 8.62
CA GLU A 112 19.26 2.52 7.45
C GLU A 112 20.35 1.45 7.46
N LEU A 113 21.56 1.83 7.83
CA LEU A 113 22.64 0.84 7.69
C LEU A 113 22.65 -0.07 8.90
N VAL A 114 22.09 0.42 10.03
CA VAL A 114 21.91 -0.37 11.25
C VAL A 114 20.92 -1.45 10.87
N ASN A 115 19.80 -1.01 10.29
CA ASN A 115 18.75 -1.91 9.82
C ASN A 115 19.20 -2.96 8.77
N SER A 116 20.02 -2.53 7.81
CA SER A 116 20.65 -3.43 6.86
C SER A 116 21.51 -4.50 7.58
N GLY A 117 22.19 -4.10 8.66
CA GLY A 117 23.00 -5.00 9.49
C GLY A 117 22.15 -6.02 10.25
N ILE A 118 21.06 -5.56 10.85
CA ILE A 118 20.16 -6.49 11.49
C ILE A 118 19.67 -7.48 10.42
N LYS A 119 19.17 -6.91 9.31
CA LYS A 119 18.57 -7.76 8.25
C LYS A 119 19.55 -8.81 7.77
N PHE A 120 20.81 -8.41 7.53
CA PHE A 120 21.83 -9.38 7.03
C PHE A 120 22.12 -10.46 8.07
N TYR A 121 22.18 -10.04 9.34
CA TYR A 121 22.46 -10.98 10.41
C TYR A 121 21.47 -12.13 10.35
N GLN A 122 20.19 -11.78 10.29
CA GLN A 122 19.09 -12.68 10.38
C GLN A 122 18.87 -13.60 9.18
N ARG A 123 18.95 -13.03 7.96
CA ARG A 123 18.73 -13.79 6.76
C ARG A 123 19.73 -14.94 6.72
N TYR A 124 20.93 -14.70 7.21
CA TYR A 124 21.94 -15.73 7.12
C TYR A 124 22.41 -16.20 8.50
N GLU A 125 21.46 -16.08 9.44
CA GLU A 125 21.63 -16.48 10.86
C GLU A 125 22.41 -17.79 11.05
N SER A 126 22.10 -18.79 10.24
CA SER A 126 22.69 -20.06 10.53
C SER A 126 24.19 -20.06 10.16
N LEU A 127 24.66 -18.91 9.61
CA LEU A 127 26.11 -18.69 9.36
C LEU A 127 26.70 -17.52 10.12
N THR A 128 25.87 -16.50 10.36
CA THR A 128 26.28 -15.29 11.02
C THR A 128 26.44 -15.53 12.55
N ARG A 129 25.93 -16.66 13.00
CA ARG A 129 26.03 -16.99 14.38
C ARG A 129 27.42 -17.36 14.80
N ASN A 130 28.26 -17.82 13.88
CA ASN A 130 29.61 -18.24 14.32
C ASN A 130 30.74 -17.99 13.33
N ILE A 131 30.46 -17.19 12.32
CA ILE A 131 31.45 -16.77 11.36
C ILE A 131 31.48 -15.25 11.31
N VAL A 132 32.69 -14.72 11.46
CA VAL A 132 32.96 -13.33 11.38
C VAL A 132 33.22 -13.02 9.91
N PRO A 133 32.36 -12.17 9.31
CA PRO A 133 32.49 -11.78 7.89
C PRO A 133 33.74 -10.95 7.62
N PHE A 134 34.33 -11.16 6.45
CA PHE A 134 35.44 -10.31 6.07
C PHE A 134 34.93 -9.04 5.39
N ILE A 135 35.37 -7.91 5.92
CA ILE A 135 34.70 -6.63 5.59
C ILE A 135 35.58 -5.54 4.97
N ARG A 136 35.17 -5.09 3.77
CA ARG A 136 35.90 -4.02 3.09
C ARG A 136 35.08 -2.74 2.87
N SER A 137 35.76 -1.60 2.75
CA SER A 137 35.06 -0.32 2.54
C SER A 137 35.86 0.62 1.68
N SER A 138 35.22 1.19 0.67
CA SER A 138 35.86 2.29 -0.06
C SER A 138 36.21 3.38 0.98
N GLY A 139 37.18 4.25 0.68
CA GLY A 139 37.54 5.27 1.67
C GLY A 139 36.85 6.61 1.51
N SER A 140 35.70 6.78 2.15
CA SER A 140 35.00 8.07 2.13
C SER A 140 34.21 8.14 3.44
N SER A 141 34.27 9.25 4.15
CA SER A 141 33.68 9.27 5.48
C SER A 141 32.32 8.60 5.50
N ARG A 142 31.43 8.95 4.58
CA ARG A 142 30.07 8.39 4.59
C ARG A 142 30.00 6.84 4.36
N VAL A 143 30.98 6.33 3.63
CA VAL A 143 30.97 4.90 3.30
C VAL A 143 31.45 4.08 4.53
N ILE A 144 32.61 4.48 5.04
CA ILE A 144 33.23 4.03 6.30
C ILE A 144 32.27 4.07 7.49
N ALA A 145 31.66 5.21 7.71
CA ALA A 145 30.65 5.33 8.75
C ALA A 145 29.50 4.36 8.55
N SER A 146 29.05 4.23 7.31
CA SER A 146 27.90 3.33 6.97
C SER A 146 28.26 1.87 7.19
N GLY A 147 29.45 1.47 6.74
CA GLY A 147 30.00 0.19 7.08
C GLY A 147 29.87 -0.08 8.57
N LYS A 148 30.33 0.89 9.38
CA LYS A 148 30.30 0.75 10.83
C LYS A 148 28.89 0.76 11.44
N LYS A 149 27.94 1.46 10.85
CA LYS A 149 26.57 1.36 11.35
C LYS A 149 25.94 0.00 11.02
N PHE A 150 26.39 -0.61 9.92
CA PHE A 150 25.94 -1.92 9.57
C PHE A 150 26.54 -2.91 10.57
N ILE A 151 27.83 -2.80 10.88
CA ILE A 151 28.50 -3.72 11.82
C ILE A 151 27.89 -3.58 13.18
N GLU A 152 27.52 -2.35 13.52
CA GLU A 152 26.78 -2.04 14.75
C GLU A 152 25.48 -2.83 14.93
N GLY A 153 24.60 -2.79 13.94
CA GLY A 153 23.36 -3.53 14.00
C GLY A 153 23.55 -5.06 13.93
N PHE A 154 24.44 -5.52 13.05
CA PHE A 154 24.84 -6.95 13.01
C PHE A 154 25.27 -7.42 14.41
N GLN A 155 26.11 -6.63 15.08
CA GLN A 155 26.64 -7.01 16.39
C GLN A 155 25.55 -7.00 17.48
N SER A 156 24.60 -6.08 17.39
CA SER A 156 23.44 -6.04 18.31
C SER A 156 22.51 -7.23 18.20
N THR A 157 22.38 -7.74 17.00
CA THR A 157 21.51 -8.87 16.76
C THR A 157 22.21 -10.14 17.20
N LYS A 158 23.53 -10.24 16.95
CA LYS A 158 24.34 -11.38 17.36
C LYS A 158 24.29 -11.61 18.88
N LEU A 159 24.38 -10.53 19.65
CA LEU A 159 24.26 -10.64 21.09
C LEU A 159 22.87 -11.08 21.56
N LYS A 160 21.83 -10.84 20.78
CA LYS A 160 20.52 -11.27 21.27
C LYS A 160 20.15 -12.66 20.78
N ASP A 161 21.12 -13.33 20.16
CA ASP A 161 20.79 -14.54 19.47
C ASP A 161 21.30 -15.77 20.27
N PRO A 162 20.34 -16.55 20.79
CA PRO A 162 20.67 -17.65 21.67
C PRO A 162 21.60 -18.68 20.99
N ARG A 163 21.58 -18.73 19.65
CA ARG A 163 22.41 -19.72 18.94
C ARG A 163 23.81 -19.24 18.57
N ALA A 164 24.16 -18.02 18.97
CA ALA A 164 25.49 -17.48 18.65
C ALA A 164 26.64 -18.15 19.41
N GLN A 165 27.81 -18.28 18.78
CA GLN A 165 29.05 -18.58 19.47
C GLN A 165 29.64 -17.24 19.94
N PRO A 166 29.50 -16.93 21.26
CA PRO A 166 29.88 -15.63 21.80
C PRO A 166 31.37 -15.56 22.08
N GLY A 167 31.87 -14.35 22.35
CA GLY A 167 33.29 -14.14 22.55
C GLY A 167 34.21 -14.42 21.36
N GLN A 168 33.69 -14.26 20.14
CA GLN A 168 34.51 -14.28 18.93
C GLN A 168 34.99 -12.84 18.72
N SER A 169 36.00 -12.61 17.87
CA SER A 169 36.37 -11.21 17.65
C SER A 169 35.19 -10.44 17.00
N SER A 170 35.12 -9.16 17.32
CA SER A 170 34.29 -8.23 16.58
C SER A 170 34.41 -8.40 15.06
N PRO A 171 33.30 -8.21 14.35
CA PRO A 171 33.44 -7.82 12.96
C PRO A 171 33.91 -6.36 12.91
N LYS A 172 34.76 -6.00 11.94
CA LYS A 172 35.30 -4.64 11.85
C LYS A 172 35.52 -4.34 10.38
N ILE A 173 35.91 -3.10 10.05
CA ILE A 173 36.36 -2.81 8.70
C ILE A 173 37.82 -3.24 8.44
N ASP A 174 37.97 -4.38 7.81
CA ASP A 174 39.26 -5.02 7.69
C ASP A 174 40.21 -4.29 6.77
N VAL A 175 39.64 -3.53 5.84
CA VAL A 175 40.44 -2.93 4.80
C VAL A 175 39.63 -1.74 4.39
N VAL A 176 40.22 -0.56 4.58
CA VAL A 176 39.70 0.67 3.96
C VAL A 176 40.45 0.83 2.65
N ILE A 177 39.71 0.79 1.52
CA ILE A 177 40.34 0.97 0.22
C ILE A 177 40.33 2.44 -0.17
N SER A 178 41.50 2.97 -0.51
CA SER A 178 41.67 4.35 -0.87
C SER A 178 40.94 4.82 -2.16
N GLU A 179 40.42 6.05 -2.10
CA GLU A 179 39.87 6.74 -3.26
C GLU A 179 40.83 7.73 -3.95
N ALA A 180 42.09 7.82 -3.50
CA ALA A 180 43.05 8.73 -4.16
C ALA A 180 43.09 8.36 -5.63
N SER A 181 43.35 9.39 -6.44
CA SER A 181 43.24 9.29 -7.88
C SER A 181 44.14 8.21 -8.42
N SER A 182 45.17 7.81 -7.67
CA SER A 182 46.08 6.75 -8.13
C SER A 182 45.87 5.36 -7.48
N SER A 183 44.82 5.24 -6.66
CA SER A 183 44.51 3.98 -5.99
C SER A 183 43.71 3.03 -6.88
N ASN A 184 44.24 1.83 -7.09
CA ASN A 184 43.44 0.77 -7.69
C ASN A 184 42.35 0.42 -6.70
N ASN A 185 41.12 0.85 -6.95
CA ASN A 185 39.98 0.68 -6.04
C ASN A 185 38.80 -0.06 -6.70
N THR A 186 38.53 -1.33 -6.36
CA THR A 186 37.58 -2.12 -7.14
C THR A 186 36.13 -1.81 -6.83
N LEU A 187 35.93 -1.11 -5.72
CA LEU A 187 34.61 -0.74 -5.21
C LEU A 187 34.06 0.43 -6.00
N ASP A 188 34.97 1.23 -6.57
CA ASP A 188 34.57 2.44 -7.33
C ASP A 188 35.81 3.03 -8.02
N PRO A 189 36.25 2.39 -9.12
CA PRO A 189 37.57 2.64 -9.68
C PRO A 189 37.71 4.06 -10.18
N GLY A 190 38.93 4.58 -10.05
CA GLY A 190 39.15 5.97 -10.41
C GLY A 190 40.28 6.18 -11.38
N THR A 191 40.74 5.08 -11.98
CA THR A 191 41.99 5.13 -12.74
C THR A 191 41.81 5.06 -14.25
N CYS A 192 40.60 4.80 -14.72
CA CYS A 192 40.36 4.64 -16.15
C CYS A 192 40.19 6.01 -16.80
N THR A 193 41.32 6.60 -17.16
CA THR A 193 41.39 8.00 -17.67
C THR A 193 40.31 8.38 -18.70
N VAL A 194 40.14 7.56 -19.74
CA VAL A 194 39.18 7.86 -20.80
C VAL A 194 37.75 7.90 -20.22
N PHE A 195 37.43 6.95 -19.30
CA PHE A 195 36.12 6.93 -18.64
C PHE A 195 35.92 8.13 -17.71
N GLU A 196 36.96 8.49 -16.98
CA GLU A 196 36.86 9.63 -16.09
C GLU A 196 36.47 10.92 -16.86
N ASP A 197 36.89 10.98 -18.14
CA ASP A 197 36.70 12.16 -18.99
C ASP A 197 35.33 12.17 -19.71
N SER A 198 34.72 10.99 -19.90
CA SER A 198 33.45 10.84 -20.63
C SER A 198 32.41 11.91 -20.27
N GLU A 199 31.63 12.34 -21.27
CA GLU A 199 30.61 13.37 -21.07
C GLU A 199 29.26 12.91 -21.65
N LEU A 200 29.13 11.63 -21.98
CA LEU A 200 27.91 11.02 -22.55
C LEU A 200 26.67 11.22 -21.63
N ALA A 201 26.84 10.98 -20.34
CA ALA A 201 25.77 11.18 -19.34
C ALA A 201 25.16 12.60 -19.37
N ASP A 202 26.01 13.62 -19.27
CA ASP A 202 25.62 15.02 -19.44
C ASP A 202 24.79 15.24 -20.70
N THR A 203 25.26 14.71 -21.81
CA THR A 203 24.53 14.93 -23.05
C THR A 203 23.11 14.41 -22.88
N VAL A 204 22.98 13.14 -22.48
CA VAL A 204 21.66 12.55 -22.24
C VAL A 204 20.81 13.32 -21.21
N GLU A 205 21.46 13.80 -20.16
CA GLU A 205 20.77 14.51 -19.10
C GLU A 205 20.13 15.76 -19.68
N ALA A 206 20.92 16.56 -20.40
CA ALA A 206 20.42 17.78 -21.06
C ALA A 206 19.36 17.46 -22.09
N ASN A 207 19.65 16.52 -22.98
CA ASN A 207 18.65 16.16 -23.98
C ASN A 207 17.30 15.73 -23.38
N PHE A 208 17.31 14.86 -22.37
CA PHE A 208 16.04 14.36 -21.81
C PHE A 208 15.37 15.36 -20.90
N THR A 209 16.14 16.24 -20.27
CA THR A 209 15.50 17.27 -19.46
C THR A 209 14.78 18.34 -20.30
N ALA A 210 15.17 18.47 -21.57
CA ALA A 210 14.56 19.43 -22.48
C ALA A 210 13.19 18.95 -22.93
N THR A 211 12.90 17.67 -22.72
CA THR A 211 11.61 17.14 -23.09
C THR A 211 10.52 17.29 -22.02
N PHE A 212 10.87 17.66 -20.79
CA PHE A 212 9.87 17.64 -19.71
C PHE A 212 9.98 18.72 -18.64
N VAL A 213 11.19 19.19 -18.38
CA VAL A 213 11.37 20.29 -17.42
C VAL A 213 10.78 21.68 -17.85
N PRO A 214 10.85 22.08 -19.16
CA PRO A 214 10.28 23.38 -19.58
C PRO A 214 8.82 23.68 -19.18
N SER A 215 7.92 22.71 -19.31
CA SER A 215 6.53 22.85 -18.87
C SER A 215 6.40 23.16 -17.36
N ILE A 216 7.37 22.70 -16.57
CA ILE A 216 7.34 22.78 -15.12
C ILE A 216 7.88 24.16 -14.79
N ARG A 217 9.03 24.50 -15.40
CA ARG A 217 9.58 25.87 -15.34
C ARG A 217 8.51 26.95 -15.63
N GLN A 218 7.76 26.77 -16.71
CA GLN A 218 6.75 27.74 -17.12
C GLN A 218 5.78 27.90 -15.96
N ARG A 219 5.19 26.76 -15.54
CA ARG A 219 4.24 26.73 -14.45
C ARG A 219 4.78 27.36 -13.20
N LEU A 220 5.99 27.02 -12.80
CA LEU A 220 6.56 27.60 -11.61
C LEU A 220 6.79 29.13 -11.70
N GLU A 221 7.17 29.62 -12.88
CA GLU A 221 7.38 31.08 -13.07
C GLU A 221 6.03 31.76 -13.09
N ASN A 222 5.03 31.04 -13.59
CA ASN A 222 3.68 31.53 -13.65
C ASN A 222 3.12 31.75 -12.26
N ASP A 223 3.36 30.77 -11.38
CA ASP A 223 2.78 30.78 -10.04
C ASP A 223 3.58 31.66 -9.09
N LEU A 224 4.87 31.81 -9.35
CA LEU A 224 5.73 32.65 -8.52
C LEU A 224 6.18 33.88 -9.30
N SER A 225 5.28 34.87 -9.39
CA SER A 225 5.49 36.12 -10.15
C SER A 225 6.71 36.91 -9.76
N GLY A 226 7.63 37.13 -10.69
CA GLY A 226 8.87 37.85 -10.38
C GLY A 226 10.12 36.98 -10.43
N VAL A 227 9.91 35.68 -10.51
CA VAL A 227 10.97 34.68 -10.46
C VAL A 227 11.31 34.22 -11.87
N THR A 228 12.58 34.04 -12.16
CA THR A 228 12.93 33.48 -13.46
C THR A 228 13.88 32.31 -13.22
N LEU A 229 13.60 31.17 -13.86
CA LEU A 229 14.26 29.89 -13.50
C LEU A 229 14.91 29.20 -14.70
N THR A 230 16.09 28.61 -14.49
CA THR A 230 16.67 27.72 -15.50
C THR A 230 16.19 26.30 -15.24
N ASP A 231 16.15 25.49 -16.29
CA ASP A 231 15.80 24.09 -16.16
C ASP A 231 16.56 23.40 -14.99
N THR A 232 17.83 23.78 -14.83
CA THR A 232 18.68 23.12 -13.85
C THR A 232 18.13 23.45 -12.50
N GLU A 233 17.73 24.70 -12.33
CA GLU A 233 17.16 25.13 -11.07
C GLU A 233 15.90 24.37 -10.77
N VAL A 234 15.13 24.05 -11.77
CA VAL A 234 13.92 23.31 -11.52
C VAL A 234 14.28 21.93 -10.97
N THR A 235 15.30 21.26 -11.53
CA THR A 235 15.66 19.98 -10.96
C THR A 235 16.14 20.12 -9.50
N TYR A 236 16.75 21.25 -9.15
CA TYR A 236 17.12 21.51 -7.77
C TYR A 236 15.91 21.51 -6.82
N LEU A 237 14.84 22.24 -7.13
CA LEU A 237 13.60 22.13 -6.34
C LEU A 237 13.01 20.73 -6.28
N MET A 238 13.24 19.94 -7.33
CA MET A 238 12.82 18.54 -7.29
C MET A 238 13.77 17.75 -6.35
N ASP A 239 15.09 17.98 -6.48
CA ASP A 239 16.09 17.37 -5.59
C ASP A 239 15.71 17.64 -4.12
N MET A 240 15.27 18.86 -3.79
CA MET A 240 14.88 19.24 -2.43
C MET A 240 13.73 18.44 -1.82
N CYS A 241 12.86 17.87 -2.64
CA CYS A 241 11.78 17.04 -2.10
C CYS A 241 12.32 15.75 -1.43
N SER A 242 13.41 15.19 -1.95
CA SER A 242 14.03 14.07 -1.29
C SER A 242 14.69 14.55 0.01
N PHE A 243 15.61 15.52 -0.12
CA PHE A 243 16.41 15.99 1.00
C PHE A 243 15.63 16.63 2.14
N ASP A 244 14.62 17.42 1.84
CA ASP A 244 13.81 18.03 2.88
C ASP A 244 12.92 17.00 3.57
N THR A 245 12.65 15.89 2.91
CA THR A 245 11.89 14.84 3.56
C THR A 245 12.76 14.04 4.57
N ILE A 246 13.78 13.39 4.03
CA ILE A 246 14.49 12.37 4.74
C ILE A 246 15.71 12.87 5.52
N SER A 247 15.80 14.18 5.67
CA SER A 247 16.87 14.82 6.46
C SER A 247 16.41 15.23 7.85
N THR A 248 15.11 15.28 8.09
CA THR A 248 14.63 15.74 9.40
C THR A 248 13.96 14.67 10.26
N SER A 249 13.52 15.15 11.42
CA SER A 249 12.61 14.47 12.33
C SER A 249 11.48 13.79 11.59
N THR A 250 10.90 14.52 10.64
CA THR A 250 9.61 14.13 10.07
C THR A 250 9.70 13.04 9.01
N VAL A 251 10.88 12.42 8.92
CA VAL A 251 11.11 11.43 7.89
C VAL A 251 9.94 10.47 7.72
N ASP A 252 9.37 10.04 8.84
CA ASP A 252 8.27 9.04 8.85
C ASP A 252 6.86 9.66 8.83
N THR A 253 6.74 10.93 9.20
CA THR A 253 5.42 11.53 9.44
C THR A 253 4.90 12.45 8.32
N LYS A 254 5.79 13.28 7.74
CA LYS A 254 5.41 14.22 6.66
C LYS A 254 6.29 14.10 5.44
N LEU A 255 5.66 14.07 4.26
CA LEU A 255 6.35 14.26 2.99
C LEU A 255 6.73 15.76 2.84
N SER A 256 7.92 16.06 2.35
CA SER A 256 8.34 17.47 2.22
C SER A 256 7.32 18.34 1.45
N PRO A 257 7.19 19.62 1.83
CA PRO A 257 6.28 20.51 1.09
C PRO A 257 6.69 20.69 -0.41
N PHE A 258 8.01 20.61 -0.65
CA PHE A 258 8.61 20.63 -1.98
C PHE A 258 8.01 19.63 -2.95
N CYS A 259 7.64 18.47 -2.43
CA CYS A 259 7.13 17.38 -3.26
C CYS A 259 5.80 17.72 -3.94
N ASP A 260 5.00 18.56 -3.27
CA ASP A 260 3.66 18.86 -3.76
C ASP A 260 3.67 19.87 -4.94
N LEU A 261 4.81 20.53 -5.15
CA LEU A 261 4.99 21.46 -6.28
C LEU A 261 5.13 20.75 -7.62
N PHE A 262 5.24 19.44 -7.59
CA PHE A 262 5.35 18.66 -8.82
C PHE A 262 4.30 17.57 -8.83
N THR A 263 3.87 17.14 -10.00
CA THR A 263 2.83 16.13 -10.13
C THR A 263 3.45 14.73 -10.18
N HIS A 264 2.59 13.72 -9.97
CA HIS A 264 3.01 12.33 -10.03
C HIS A 264 3.79 12.09 -11.32
N ASP A 265 3.18 12.46 -12.45
CA ASP A 265 3.74 12.19 -13.77
C ASP A 265 5.10 12.90 -13.93
N GLU A 266 5.17 14.10 -13.39
CA GLU A 266 6.42 14.81 -13.26
C GLU A 266 7.43 14.08 -12.41
N TRP A 267 6.99 13.44 -11.32
CA TRP A 267 7.86 12.52 -10.58
C TRP A 267 8.34 11.33 -11.44
N ILE A 268 7.45 10.78 -12.26
CA ILE A 268 7.81 9.69 -13.14
C ILE A 268 8.99 9.99 -14.06
N ASN A 269 8.96 11.19 -14.64
CA ASN A 269 10.05 11.64 -15.47
C ASN A 269 11.31 11.81 -14.64
N TYR A 270 11.17 12.48 -13.49
CA TYR A 270 12.31 12.66 -12.58
C TYR A 270 13.04 11.33 -12.34
N ASP A 271 12.26 10.31 -11.92
CA ASP A 271 12.84 8.99 -11.68
C ASP A 271 13.60 8.48 -12.89
N TYR A 272 12.96 8.58 -14.05
CA TYR A 272 13.51 8.05 -15.27
C TYR A 272 14.76 8.79 -15.66
N LEU A 273 14.74 10.11 -15.49
CA LEU A 273 15.96 10.90 -15.67
C LEU A 273 17.11 10.30 -14.88
N GLN A 274 16.85 9.94 -13.61
CA GLN A 274 17.90 9.42 -12.71
C GLN A 274 18.37 8.06 -13.23
N SER A 275 17.45 7.22 -13.68
CA SER A 275 17.86 5.98 -14.31
C SER A 275 18.80 6.24 -15.49
N LEU A 276 18.51 7.30 -16.28
CA LEU A 276 19.38 7.67 -17.44
C LEU A 276 20.80 8.13 -17.08
N LYS A 277 20.89 9.05 -16.12
CA LYS A 277 22.19 9.46 -15.57
C LYS A 277 23.03 8.20 -15.20
N LYS A 278 22.42 7.26 -14.44
CA LYS A 278 23.11 6.02 -14.04
C LYS A 278 23.39 5.09 -15.21
N TYR A 279 22.38 4.82 -16.05
CA TYR A 279 22.61 3.93 -17.20
C TYR A 279 23.70 4.37 -18.17
N TYR A 280 23.69 5.66 -18.54
CA TYR A 280 24.65 6.19 -19.51
C TYR A 280 25.95 6.67 -18.82
N GLY A 281 25.91 6.88 -17.51
CA GLY A 281 27.09 7.29 -16.75
C GLY A 281 28.02 6.13 -16.42
N HIS A 282 27.43 5.00 -16.00
CA HIS A 282 28.18 3.92 -15.38
C HIS A 282 27.76 2.50 -15.80
N GLY A 283 26.52 2.38 -16.24
CA GLY A 283 26.04 1.11 -16.75
C GLY A 283 26.35 0.88 -18.21
N ALA A 284 25.53 0.02 -18.84
CA ALA A 284 25.73 -0.50 -20.19
C ALA A 284 25.68 0.54 -21.27
N GLY A 285 24.88 1.58 -21.07
CA GLY A 285 24.84 2.62 -22.05
C GLY A 285 26.12 3.40 -22.25
N ASN A 286 27.09 3.23 -21.35
CA ASN A 286 28.38 3.89 -21.48
C ASN A 286 29.47 2.88 -21.88
N PRO A 287 30.22 3.16 -22.94
CA PRO A 287 31.09 2.10 -23.47
C PRO A 287 32.08 1.52 -22.48
N LEU A 288 32.46 2.30 -21.48
CA LEU A 288 33.46 1.92 -20.50
C LEU A 288 32.88 1.71 -19.11
N GLY A 289 31.55 1.85 -18.99
CA GLY A 289 30.86 1.72 -17.73
C GLY A 289 30.97 0.36 -17.07
N PRO A 290 30.47 -0.72 -17.73
CA PRO A 290 30.59 -2.07 -17.15
C PRO A 290 32.10 -2.45 -16.95
N THR A 291 32.98 -1.74 -17.66
CA THR A 291 34.38 -2.04 -17.53
C THR A 291 34.85 -1.51 -16.17
N GLN A 292 34.11 -0.54 -15.64
CA GLN A 292 34.42 -0.09 -14.28
C GLN A 292 34.14 -1.21 -13.24
N GLY A 293 33.31 -2.20 -13.60
CA GLY A 293 32.97 -3.28 -12.67
C GLY A 293 33.82 -4.55 -12.76
N VAL A 294 34.78 -4.60 -13.67
CA VAL A 294 35.38 -5.90 -13.88
C VAL A 294 36.32 -6.36 -12.77
N GLY A 295 36.94 -5.40 -12.08
CA GLY A 295 37.80 -5.66 -10.93
C GLY A 295 37.06 -6.40 -9.83
N TYR A 296 35.88 -5.89 -9.46
CA TYR A 296 35.10 -6.47 -8.44
C TYR A 296 34.53 -7.80 -8.86
N ALA A 297 34.11 -7.92 -10.11
CA ALA A 297 33.62 -9.16 -10.65
C ALA A 297 34.71 -10.20 -10.56
N ASN A 298 35.99 -9.85 -10.76
CA ASN A 298 37.04 -10.89 -10.69
C ASN A 298 37.33 -11.26 -9.25
N GLU A 299 37.20 -10.30 -8.33
CA GLU A 299 37.28 -10.61 -6.88
C GLU A 299 36.14 -11.53 -6.43
N LEU A 300 34.91 -11.22 -6.83
CA LEU A 300 33.84 -12.18 -6.54
C LEU A 300 34.18 -13.60 -7.10
N ILE A 301 34.69 -13.68 -8.32
CA ILE A 301 35.04 -14.98 -8.91
C ILE A 301 36.06 -15.73 -8.02
N ALA A 302 37.13 -15.06 -7.64
CA ALA A 302 38.09 -15.57 -6.64
C ALA A 302 37.42 -16.18 -5.42
N ARG A 303 36.50 -15.40 -4.84
CA ARG A 303 35.77 -15.82 -3.67
C ARG A 303 34.87 -17.01 -3.95
N LEU A 304 34.18 -17.05 -5.09
CA LEU A 304 33.26 -18.12 -5.33
C LEU A 304 34.02 -19.37 -5.62
N THR A 305 35.24 -19.23 -6.20
CA THR A 305 36.11 -20.38 -6.55
C THR A 305 37.27 -20.64 -5.59
N HIS A 306 37.41 -19.84 -4.52
CA HIS A 306 38.44 -20.03 -3.48
C HIS A 306 39.79 -20.20 -4.13
N SER A 307 40.03 -19.35 -5.15
CA SER A 307 41.24 -19.33 -5.98
C SER A 307 41.75 -17.90 -6.02
N PRO A 308 43.04 -17.71 -6.37
CA PRO A 308 43.61 -16.36 -6.57
C PRO A 308 42.84 -15.43 -7.56
N VAL A 309 42.92 -14.12 -7.34
CA VAL A 309 42.25 -13.14 -8.17
C VAL A 309 43.00 -13.11 -9.47
N HIS A 310 42.25 -13.18 -10.58
CA HIS A 310 42.82 -12.95 -11.92
C HIS A 310 42.22 -11.66 -12.48
N ASP A 311 43.02 -10.61 -12.41
CA ASP A 311 42.57 -9.29 -12.75
C ASP A 311 43.72 -8.33 -12.93
N ASP A 312 43.63 -7.56 -13.98
CA ASP A 312 44.68 -6.66 -14.33
C ASP A 312 44.08 -5.26 -14.62
N THR A 313 42.84 -5.06 -14.18
CA THR A 313 42.15 -3.78 -14.30
C THR A 313 42.23 -2.87 -13.04
N SER A 314 41.24 -2.99 -12.15
CA SER A 314 41.07 -2.06 -11.04
C SER A 314 41.50 -2.61 -9.68
N SER A 315 41.84 -3.90 -9.60
CA SER A 315 42.26 -4.49 -8.32
C SER A 315 43.67 -4.08 -7.89
N ASN A 316 43.86 -3.89 -6.60
CA ASN A 316 45.18 -3.72 -6.03
C ASN A 316 45.79 -5.10 -5.73
N HIS A 317 46.99 -5.36 -6.27
CA HIS A 317 47.65 -6.67 -6.19
C HIS A 317 48.30 -6.97 -4.85
N THR A 318 48.83 -5.94 -4.23
CA THR A 318 49.30 -6.05 -2.87
C THR A 318 48.14 -6.48 -1.96
N LEU A 319 47.02 -5.76 -2.05
CA LEU A 319 45.83 -6.05 -1.27
C LEU A 319 45.27 -7.46 -1.58
N ASP A 320 45.21 -7.82 -2.87
CA ASP A 320 44.61 -9.09 -3.23
C ASP A 320 45.44 -10.35 -3.13
N SER A 321 46.76 -10.27 -3.21
CA SER A 321 47.53 -11.53 -3.27
C SER A 321 47.93 -12.04 -1.89
N SER A 322 47.27 -11.50 -0.87
CA SER A 322 47.60 -11.74 0.54
C SER A 322 46.37 -12.17 1.33
N PRO A 323 46.40 -13.36 1.98
CA PRO A 323 45.19 -13.85 2.67
C PRO A 323 44.68 -12.87 3.72
N ALA A 324 45.58 -12.16 4.41
CA ALA A 324 45.20 -11.14 5.42
C ALA A 324 44.20 -10.05 4.90
N THR A 325 44.46 -9.56 3.69
CA THR A 325 43.73 -8.47 3.12
C THR A 325 42.78 -8.93 2.00
N PHE A 326 42.91 -10.19 1.55
CA PHE A 326 41.90 -10.77 0.68
C PHE A 326 41.73 -12.29 0.94
N PRO A 327 41.06 -12.70 2.04
CA PRO A 327 41.00 -14.13 2.32
C PRO A 327 39.98 -14.84 1.42
N LEU A 328 40.30 -16.06 0.99
CA LEU A 328 39.47 -16.77 -0.02
C LEU A 328 38.44 -17.76 0.53
N ASN A 329 38.47 -18.01 1.82
CA ASN A 329 37.63 -19.08 2.39
C ASN A 329 36.90 -18.55 3.57
N SER A 330 36.61 -17.25 3.60
CA SER A 330 35.72 -16.77 4.62
C SER A 330 34.44 -17.29 4.00
N THR A 331 33.34 -17.05 4.68
CA THR A 331 32.11 -17.60 4.14
C THR A 331 31.15 -16.44 3.92
N LEU A 332 31.40 -15.36 4.65
CA LEU A 332 30.61 -14.16 4.59
C LEU A 332 31.54 -12.99 4.34
N TYR A 333 31.03 -12.00 3.62
CA TYR A 333 31.82 -10.90 3.09
C TYR A 333 30.84 -9.74 2.99
N ALA A 334 31.35 -8.56 3.32
CA ALA A 334 30.55 -7.38 3.26
C ALA A 334 31.44 -6.26 2.68
N ASP A 335 30.91 -5.61 1.62
CA ASP A 335 31.60 -4.49 0.96
C ASP A 335 30.68 -3.26 0.94
N PHE A 336 31.29 -2.09 1.03
CA PHE A 336 30.56 -0.83 1.15
C PHE A 336 31.14 0.17 0.18
N SER A 337 30.28 0.81 -0.60
CA SER A 337 30.75 1.63 -1.72
C SER A 337 29.73 2.71 -2.12
N HIS A 338 29.91 3.35 -3.30
CA HIS A 338 28.96 4.33 -3.81
C HIS A 338 28.07 3.71 -4.87
N ASP A 339 26.98 4.42 -5.14
CA ASP A 339 26.05 4.13 -6.22
C ASP A 339 26.75 3.89 -7.57
N ASN A 340 27.69 4.77 -7.94
CA ASN A 340 28.25 4.72 -9.27
C ASN A 340 29.03 3.45 -9.49
N GLY A 341 29.88 3.07 -8.53
CA GLY A 341 30.62 1.85 -8.70
C GLY A 341 29.71 0.62 -8.63
N ILE A 342 28.54 0.77 -8.01
CA ILE A 342 27.68 -0.39 -7.76
C ILE A 342 26.96 -0.65 -9.07
N ILE A 343 26.59 0.42 -9.79
CA ILE A 343 25.98 0.30 -11.09
C ILE A 343 26.97 -0.48 -11.95
N SER A 344 28.18 0.02 -12.10
CA SER A 344 29.17 -0.66 -12.95
C SER A 344 29.33 -2.14 -12.59
N ILE A 345 29.29 -2.43 -11.31
CA ILE A 345 29.43 -3.80 -10.86
C ILE A 345 28.25 -4.73 -11.25
N LEU A 346 27.01 -4.24 -11.03
CA LEU A 346 25.81 -4.95 -11.39
C LEU A 346 25.84 -5.36 -12.90
N PHE A 347 26.20 -4.40 -13.77
CA PHE A 347 26.28 -4.62 -15.20
C PHE A 347 27.42 -5.56 -15.62
N ALA A 348 28.60 -5.40 -15.03
CA ALA A 348 29.72 -6.32 -15.30
C ALA A 348 29.39 -7.75 -14.86
N LEU A 349 28.40 -7.89 -13.97
CA LEU A 349 28.03 -9.23 -13.49
C LEU A 349 26.99 -9.85 -14.40
N GLY A 350 26.57 -9.12 -15.43
CA GLY A 350 25.55 -9.60 -16.35
C GLY A 350 24.13 -9.37 -15.88
N LEU A 351 23.93 -8.83 -14.68
CA LEU A 351 22.58 -8.85 -14.07
C LEU A 351 21.51 -8.11 -14.85
N TYR A 352 21.95 -7.30 -15.80
CA TYR A 352 20.97 -6.51 -16.58
C TYR A 352 21.07 -6.73 -18.08
N ASN A 353 21.44 -7.96 -18.43
CA ASN A 353 21.65 -8.33 -19.80
C ASN A 353 20.40 -8.77 -20.55
N GLY A 354 19.23 -8.47 -19.99
CA GLY A 354 17.99 -8.65 -20.73
C GLY A 354 17.33 -7.30 -20.88
N THR A 355 18.02 -6.25 -20.41
CA THR A 355 17.57 -4.85 -20.43
C THR A 355 18.04 -4.15 -21.75
N LYS A 356 17.09 -3.51 -22.45
CA LYS A 356 17.40 -2.80 -23.71
C LYS A 356 17.78 -1.35 -23.43
N PRO A 357 18.82 -0.83 -24.08
CA PRO A 357 19.31 0.52 -23.81
C PRO A 357 18.15 1.47 -23.64
N LEU A 358 18.18 2.29 -22.60
CA LEU A 358 17.00 3.08 -22.32
C LEU A 358 16.88 4.19 -23.35
N SER A 359 15.64 4.44 -23.78
CA SER A 359 15.27 5.53 -24.68
C SER A 359 15.75 6.84 -24.07
N THR A 360 16.39 7.66 -24.88
CA THR A 360 16.81 9.00 -24.46
C THR A 360 15.66 10.06 -24.48
N THR A 361 14.49 9.67 -24.99
CA THR A 361 13.44 10.65 -25.35
C THR A 361 12.09 10.41 -24.65
N THR A 362 11.77 9.13 -24.39
CA THR A 362 10.54 8.74 -23.66
C THR A 362 10.82 7.93 -22.38
N VAL A 363 9.98 8.12 -21.36
CA VAL A 363 9.89 7.27 -20.18
C VAL A 363 9.69 5.76 -20.51
N GLU A 364 10.48 4.90 -19.85
CA GLU A 364 10.27 3.44 -19.91
C GLU A 364 9.99 2.89 -18.51
N ASN A 365 8.83 2.25 -18.35
CA ASN A 365 8.45 1.66 -17.06
C ASN A 365 9.35 0.49 -16.66
N ILE A 366 9.12 -0.05 -15.46
CA ILE A 366 10.04 -1.06 -14.92
C ILE A 366 9.97 -2.40 -15.66
N THR A 367 8.92 -2.61 -16.46
CA THR A 367 8.81 -3.78 -17.35
C THR A 367 9.67 -3.58 -18.59
N GLN A 368 9.48 -2.44 -19.25
CA GLN A 368 10.23 -2.14 -20.48
C GLN A 368 11.71 -2.24 -20.19
N THR A 369 12.15 -1.82 -19.00
CA THR A 369 13.58 -1.87 -18.66
C THR A 369 14.05 -3.23 -18.04
N ASP A 370 13.12 -4.19 -17.96
CA ASP A 370 13.37 -5.55 -17.42
C ASP A 370 13.99 -5.45 -16.00
N GLY A 371 13.41 -4.59 -15.17
CA GLY A 371 13.87 -4.47 -13.80
C GLY A 371 15.00 -3.51 -13.50
N PHE A 372 15.39 -2.67 -14.45
CA PHE A 372 16.42 -1.70 -14.14
C PHE A 372 15.90 -0.31 -13.88
N SER A 373 16.32 0.26 -12.76
CA SER A 373 16.14 1.68 -12.51
C SER A 373 17.08 2.05 -11.39
N SER A 374 17.42 3.33 -11.30
CA SER A 374 18.25 3.76 -10.20
C SER A 374 17.68 3.31 -8.88
N ALA A 375 16.41 3.59 -8.70
CA ALA A 375 15.72 3.41 -7.45
C ALA A 375 15.58 1.93 -7.09
N TRP A 376 15.47 1.06 -8.09
CA TRP A 376 15.44 -0.38 -7.88
C TRP A 376 16.85 -0.98 -7.73
N THR A 377 17.90 -0.21 -7.95
CA THR A 377 19.24 -0.81 -7.87
C THR A 377 20.15 -0.13 -6.84
N VAL A 378 20.35 1.17 -7.00
CA VAL A 378 21.18 1.92 -6.08
C VAL A 378 20.49 3.01 -5.30
N PRO A 379 19.44 2.68 -4.55
CA PRO A 379 18.87 3.70 -3.69
C PRO A 379 19.81 4.00 -2.54
N PHE A 380 19.44 4.94 -1.67
CA PHE A 380 20.22 5.08 -0.44
C PHE A 380 20.18 3.72 0.30
N ALA A 381 21.37 3.31 0.81
CA ALA A 381 21.48 2.07 1.59
C ALA A 381 21.14 0.77 0.79
N SER A 382 21.21 0.83 -0.52
CA SER A 382 21.00 -0.34 -1.36
C SER A 382 21.86 -1.51 -0.92
N ARG A 383 21.41 -2.70 -1.27
CA ARG A 383 22.23 -3.91 -1.04
C ARG A 383 22.12 -4.95 -2.16
N LEU A 384 23.28 -5.56 -2.46
CA LEU A 384 23.32 -6.70 -3.32
C LEU A 384 23.71 -7.88 -2.46
N TYR A 385 22.99 -9.00 -2.57
CA TYR A 385 23.45 -10.27 -1.93
C TYR A 385 23.82 -11.32 -2.98
N VAL A 386 25.06 -11.78 -2.94
CA VAL A 386 25.39 -12.93 -3.71
C VAL A 386 25.32 -14.16 -2.78
N GLU A 387 24.56 -15.18 -3.17
CA GLU A 387 24.62 -16.46 -2.41
C GLU A 387 25.11 -17.62 -3.24
N MET A 388 25.64 -18.56 -2.51
CA MET A 388 25.97 -19.83 -3.06
C MET A 388 25.27 -20.82 -2.12
N MET A 389 24.56 -21.80 -2.66
CA MET A 389 23.85 -22.78 -1.84
C MET A 389 24.11 -24.15 -2.34
N GLN A 390 23.96 -25.11 -1.44
CA GLN A 390 24.12 -26.51 -1.80
C GLN A 390 22.78 -27.16 -1.66
N CYS A 391 22.38 -27.88 -2.69
CA CYS A 391 21.02 -28.37 -2.72
C CYS A 391 20.97 -29.87 -2.78
N GLN A 392 19.79 -30.40 -2.44
CA GLN A 392 19.55 -31.84 -2.33
C GLN A 392 19.82 -32.54 -3.65
N ALA A 393 19.18 -32.07 -4.72
CA ALA A 393 19.20 -32.85 -5.95
C ALA A 393 20.51 -32.84 -6.80
N GLU A 394 21.51 -32.04 -6.39
CA GLU A 394 22.66 -31.65 -7.26
C GLU A 394 24.03 -31.59 -6.56
N GLN A 395 25.07 -32.09 -7.23
CA GLN A 395 26.45 -32.12 -6.66
C GLN A 395 27.13 -30.74 -6.52
N GLU A 396 26.83 -29.84 -7.46
CA GLU A 396 27.51 -28.54 -7.57
C GLU A 396 26.84 -27.39 -6.80
N PRO A 397 27.63 -26.38 -6.39
CA PRO A 397 27.01 -25.22 -5.75
C PRO A 397 26.22 -24.37 -6.76
N LEU A 398 25.08 -23.85 -6.35
CA LEU A 398 24.23 -23.06 -7.20
C LEU A 398 24.33 -21.58 -6.76
N VAL A 399 24.59 -20.64 -7.70
CA VAL A 399 24.75 -19.25 -7.34
C VAL A 399 23.41 -18.55 -7.45
N ARG A 400 23.05 -17.71 -6.48
CA ARG A 400 21.87 -16.86 -6.64
C ARG A 400 22.18 -15.44 -6.23
N VAL A 401 21.51 -14.47 -6.84
CA VAL A 401 21.75 -13.03 -6.65
C VAL A 401 20.46 -12.30 -6.30
N LEU A 402 20.45 -11.51 -5.22
CA LEU A 402 19.28 -10.63 -4.98
C LEU A 402 19.68 -9.15 -4.99
N VAL A 403 18.82 -8.31 -5.56
CA VAL A 403 19.10 -6.87 -5.66
C VAL A 403 17.97 -6.12 -4.99
N ASN A 404 18.27 -5.58 -3.80
CA ASN A 404 17.27 -5.05 -2.86
C ASN A 404 16.07 -5.94 -2.58
N ASP A 405 16.36 -7.23 -2.38
CA ASP A 405 15.38 -8.24 -1.91
C ASP A 405 14.57 -8.88 -3.06
N ARG A 406 14.95 -8.53 -4.29
CA ARG A 406 14.42 -9.10 -5.54
C ARG A 406 15.40 -10.11 -6.12
N VAL A 407 14.94 -11.32 -6.36
CA VAL A 407 15.77 -12.30 -7.04
C VAL A 407 15.91 -11.83 -8.49
N VAL A 408 17.14 -11.83 -8.99
CA VAL A 408 17.41 -11.34 -10.31
C VAL A 408 18.04 -12.50 -11.01
N PRO A 409 17.39 -13.03 -12.07
CA PRO A 409 17.85 -14.22 -12.74
C PRO A 409 19.18 -13.97 -13.42
N LEU A 410 20.16 -14.82 -13.14
CA LEU A 410 21.47 -14.73 -13.81
C LEU A 410 21.41 -14.80 -15.35
N HIS A 411 22.39 -14.17 -16.00
CA HIS A 411 22.50 -14.20 -17.45
C HIS A 411 23.85 -14.78 -17.76
N GLY A 412 23.96 -15.32 -18.97
CA GLY A 412 25.25 -15.82 -19.48
C GLY A 412 25.50 -17.26 -19.09
N CYS A 413 24.48 -17.87 -18.48
CA CYS A 413 24.53 -19.28 -18.03
C CYS A 413 23.13 -19.92 -17.98
N PRO A 414 23.06 -21.25 -17.96
CA PRO A 414 21.71 -21.86 -18.00
C PRO A 414 20.89 -21.62 -16.72
N VAL A 415 20.21 -20.49 -16.60
CA VAL A 415 19.36 -20.29 -15.42
C VAL A 415 18.31 -21.33 -15.29
N ASP A 416 18.02 -21.70 -14.05
CA ASP A 416 16.84 -22.52 -13.73
C ASP A 416 15.67 -21.59 -13.39
N ALA A 417 14.50 -22.12 -13.02
CA ALA A 417 13.32 -21.26 -12.79
C ALA A 417 13.37 -20.50 -11.48
N LEU A 418 14.39 -20.84 -10.66
CA LEU A 418 14.57 -20.21 -9.37
C LEU A 418 15.62 -19.09 -9.45
N GLY A 419 16.05 -18.81 -10.69
CA GLY A 419 16.99 -17.73 -10.96
C GLY A 419 18.46 -18.08 -10.84
N ARG A 420 18.79 -19.36 -10.63
CA ARG A 420 20.13 -19.77 -10.23
C ARG A 420 20.95 -20.38 -11.35
N CYS A 421 22.25 -20.26 -11.28
CA CYS A 421 23.08 -21.09 -12.17
C CYS A 421 24.02 -21.89 -11.33
N THR A 422 24.51 -22.98 -11.87
CA THR A 422 25.61 -23.67 -11.20
C THR A 422 26.81 -22.73 -11.18
N ARG A 423 27.62 -22.80 -10.12
CA ARG A 423 28.77 -21.93 -9.98
C ARG A 423 29.71 -21.97 -11.14
N ASP A 424 30.00 -23.17 -11.63
CA ASP A 424 31.02 -23.32 -12.73
C ASP A 424 30.58 -22.61 -13.99
N SER A 425 29.27 -22.68 -14.27
CA SER A 425 28.71 -22.11 -15.47
C SER A 425 28.49 -20.58 -15.30
N PHE A 426 28.13 -20.16 -14.10
CA PHE A 426 28.14 -18.73 -13.79
C PHE A 426 29.50 -18.08 -14.03
N VAL A 427 30.56 -18.73 -13.54
CA VAL A 427 31.91 -18.16 -13.67
C VAL A 427 32.28 -18.09 -15.15
N ARG A 428 32.11 -19.21 -15.82
CA ARG A 428 32.31 -19.30 -17.26
C ARG A 428 31.56 -18.20 -18.03
N GLY A 429 30.34 -17.80 -17.59
CA GLY A 429 29.58 -16.75 -18.27
C GLY A 429 30.21 -15.34 -18.14
N LEU A 430 31.08 -15.18 -17.16
CA LEU A 430 31.66 -13.86 -16.89
C LEU A 430 33.00 -13.68 -17.59
N SER A 431 33.03 -14.18 -18.84
CA SER A 431 34.17 -14.03 -19.74
C SER A 431 34.49 -12.59 -20.01
N PHE A 432 33.47 -11.72 -20.04
CA PHE A 432 33.73 -10.30 -20.19
C PHE A 432 34.69 -9.87 -19.09
N ALA A 433 34.31 -10.02 -17.82
CA ALA A 433 35.21 -9.62 -16.72
C ALA A 433 36.52 -10.44 -16.71
N ARG A 434 36.40 -11.70 -17.11
CA ARG A 434 37.53 -12.63 -16.99
C ARG A 434 38.64 -12.25 -17.95
N SER A 435 38.25 -11.63 -19.08
CA SER A 435 39.20 -11.22 -20.12
C SER A 435 39.78 -9.83 -19.83
N GLY A 436 39.25 -9.17 -18.81
CA GLY A 436 39.66 -7.81 -18.52
C GLY A 436 38.70 -6.73 -19.07
N GLY A 437 37.55 -7.16 -19.59
CA GLY A 437 36.59 -6.26 -20.26
C GLY A 437 37.26 -5.35 -21.27
N ASP A 438 36.92 -4.06 -21.26
CA ASP A 438 37.57 -3.09 -22.15
C ASP A 438 38.56 -2.23 -21.42
N TRP A 439 39.21 -2.78 -20.40
CA TRP A 439 40.08 -1.96 -19.59
C TRP A 439 41.23 -1.38 -20.46
N ALA A 440 41.66 -2.13 -21.48
CA ALA A 440 42.74 -1.65 -22.39
C ALA A 440 42.42 -0.31 -23.08
N GLU A 441 41.12 0.00 -23.19
CA GLU A 441 40.66 1.20 -23.83
C GLU A 441 40.67 2.41 -22.92
N CYS A 442 41.17 2.24 -21.70
CA CYS A 442 41.18 3.31 -20.71
C CYS A 442 42.24 4.33 -21.05
N PHE A 443 43.14 3.95 -21.97
CA PHE A 443 44.38 4.69 -22.21
C PHE A 443 44.60 5.18 -23.66
N ALA A 444 44.29 4.34 -24.64
CA ALA A 444 44.20 4.78 -26.04
C ALA A 444 42.79 5.34 -26.42
N SER B 7 -6.46 -15.06 13.34
CA SER B 7 -5.61 -14.13 14.18
C SER B 7 -5.19 -12.81 13.49
N CYS B 8 -5.53 -12.68 12.18
CA CYS B 8 -5.62 -11.38 11.45
C CYS B 8 -7.13 -11.08 11.24
N ASP B 9 -7.94 -12.01 11.70
CA ASP B 9 -9.37 -11.87 11.72
C ASP B 9 -9.88 -11.94 13.16
N THR B 10 -10.11 -10.78 13.76
CA THR B 10 -10.50 -10.67 15.17
C THR B 10 -11.88 -10.04 15.35
N VAL B 11 -12.40 -10.16 16.57
CA VAL B 11 -13.69 -9.58 16.89
C VAL B 11 -13.59 -8.07 16.82
N ASP B 12 -12.44 -7.55 17.23
CA ASP B 12 -12.35 -6.12 17.39
C ASP B 12 -11.97 -5.38 16.11
N GLN B 13 -11.01 -5.94 15.37
CA GLN B 13 -10.50 -5.22 14.23
C GLN B 13 -11.08 -5.73 12.92
N GLY B 14 -11.81 -6.85 12.97
CA GLY B 14 -12.48 -7.40 11.80
C GLY B 14 -11.51 -8.15 10.90
N TYR B 15 -11.70 -8.07 9.58
CA TYR B 15 -10.94 -8.91 8.69
C TYR B 15 -9.72 -8.18 8.15
N GLN B 16 -8.57 -8.42 8.77
CA GLN B 16 -7.32 -7.69 8.41
C GLN B 16 -6.31 -8.61 7.71
N CYS B 17 -6.75 -9.82 7.36
CA CYS B 17 -5.95 -10.68 6.52
C CYS B 17 -5.93 -10.12 5.09
N PHE B 18 -4.76 -10.13 4.45
CA PHE B 18 -4.62 -9.85 3.01
C PHE B 18 -5.13 -8.48 2.61
N SER B 19 -4.92 -7.52 3.50
CA SER B 19 -5.63 -6.26 3.51
C SER B 19 -5.42 -5.43 2.24
N GLU B 20 -4.26 -5.62 1.59
CA GLU B 20 -3.93 -4.87 0.36
C GLU B 20 -4.83 -5.25 -0.85
N THR B 21 -5.45 -6.43 -0.77
CA THR B 21 -6.43 -6.90 -1.74
C THR B 21 -7.85 -6.90 -1.13
N SER B 22 -7.99 -7.52 0.04
CA SER B 22 -9.31 -7.83 0.60
C SER B 22 -10.11 -6.57 0.93
N HIS B 23 -9.41 -5.45 1.09
CA HIS B 23 -10.03 -4.18 1.48
C HIS B 23 -10.56 -3.37 0.27
N LEU B 24 -10.21 -3.81 -0.94
CA LEU B 24 -10.64 -3.12 -2.17
C LEU B 24 -11.72 -3.89 -2.93
N TRP B 25 -12.47 -4.73 -2.22
CA TRP B 25 -13.59 -5.42 -2.84
C TRP B 25 -14.91 -4.59 -2.74
N GLY B 26 -14.82 -3.33 -2.41
CA GLY B 26 -16.04 -2.54 -2.12
C GLY B 26 -17.00 -3.20 -1.14
N GLN B 27 -18.22 -3.44 -1.60
CA GLN B 27 -19.28 -3.91 -0.76
C GLN B 27 -19.24 -5.42 -0.68
N TYR B 28 -18.28 -5.97 -1.41
CA TYR B 28 -17.91 -7.37 -1.27
C TYR B 28 -16.78 -7.56 -0.26
N ALA B 29 -16.30 -6.49 0.35
CA ALA B 29 -15.22 -6.62 1.35
C ALA B 29 -15.78 -7.06 2.69
N PRO B 30 -15.03 -7.94 3.37
CA PRO B 30 -15.50 -8.35 4.72
C PRO B 30 -15.33 -7.16 5.66
N PHE B 31 -16.26 -6.94 6.59
CA PHE B 31 -16.01 -5.91 7.60
C PHE B 31 -14.54 -5.80 8.04
N PHE B 32 -13.99 -4.59 8.03
CA PHE B 32 -12.66 -4.34 8.63
C PHE B 32 -12.76 -2.99 9.31
N SER B 33 -12.43 -2.93 10.60
CA SER B 33 -12.46 -1.74 11.45
C SER B 33 -11.57 -0.61 11.01
N LEU B 34 -12.15 0.58 10.97
CA LEU B 34 -11.40 1.75 10.57
C LEU B 34 -10.91 2.54 11.78
N ALA B 35 -10.87 1.90 12.95
CA ALA B 35 -10.59 2.62 14.18
C ALA B 35 -9.22 3.32 14.13
N ASN B 36 -8.21 2.61 13.62
CA ASN B 36 -6.86 3.14 13.50
CA ASN B 36 -6.84 3.12 13.47
C ASN B 36 -6.71 4.20 12.37
N GLU B 37 -7.77 4.35 11.57
CA GLU B 37 -7.86 5.37 10.54
C GLU B 37 -8.63 6.60 11.01
N SER B 38 -9.21 6.52 12.22
CA SER B 38 -9.98 7.62 12.79
C SER B 38 -9.02 8.72 13.29
N VAL B 39 -9.16 9.93 12.76
CA VAL B 39 -8.34 11.05 13.25
C VAL B 39 -8.91 11.53 14.57
N ILE B 40 -10.19 11.36 14.76
CA ILE B 40 -10.77 11.65 16.08
C ILE B 40 -10.82 10.35 16.88
N SER B 41 -10.49 10.42 18.15
CA SER B 41 -10.49 9.22 18.98
C SER B 41 -11.92 8.74 19.19
N PRO B 42 -12.17 7.44 18.96
CA PRO B 42 -13.50 6.83 19.22
C PRO B 42 -13.83 6.74 20.71
N GLU B 43 -12.82 6.74 21.57
CA GLU B 43 -13.08 6.74 23.01
C GLU B 43 -14.03 7.85 23.46
N VAL B 44 -14.80 7.51 24.48
CA VAL B 44 -15.66 8.43 25.18
C VAL B 44 -14.78 9.42 25.95
N PRO B 45 -14.95 10.73 25.71
CA PRO B 45 -14.13 11.66 26.46
C PRO B 45 -14.41 11.64 27.97
N ALA B 46 -13.44 12.13 28.74
CA ALA B 46 -13.58 12.23 30.19
C ALA B 46 -14.64 13.27 30.48
N GLY B 47 -15.36 13.06 31.57
CA GLY B 47 -16.45 13.95 31.95
C GLY B 47 -17.72 13.55 31.25
N CYS B 48 -17.60 12.68 30.25
CA CYS B 48 -18.70 12.32 29.35
C CYS B 48 -19.27 10.90 29.57
N ARG B 49 -20.58 10.80 29.41
CA ARG B 49 -21.24 9.52 29.58
C ARG B 49 -22.26 9.24 28.47
N VAL B 50 -22.16 8.08 27.83
CA VAL B 50 -23.08 7.65 26.78
C VAL B 50 -24.48 7.30 27.37
N THR B 51 -25.52 7.95 26.84
CA THR B 51 -26.89 7.74 27.33
C THR B 51 -27.88 7.21 26.28
N PHE B 52 -27.39 6.90 25.08
CA PHE B 52 -28.18 6.41 23.92
C PHE B 52 -27.20 5.71 23.00
N ALA B 53 -27.60 4.57 22.46
CA ALA B 53 -26.84 3.94 21.39
C ALA B 53 -27.77 3.17 20.45
N GLN B 54 -27.76 3.58 19.18
CA GLN B 54 -28.44 2.87 18.07
C GLN B 54 -27.35 2.33 17.16
N VAL B 55 -27.47 1.08 16.77
CA VAL B 55 -26.60 0.54 15.74
C VAL B 55 -27.43 0.16 14.50
N LEU B 56 -27.00 0.59 13.32
CA LEU B 56 -27.60 0.12 12.07
C LEU B 56 -26.59 -0.79 11.38
N SER B 57 -26.99 -2.05 11.13
CA SER B 57 -26.00 -3.03 10.68
C SER B 57 -26.40 -3.61 9.35
N ARG B 58 -25.42 -3.88 8.48
CA ARG B 58 -25.68 -4.66 7.25
C ARG B 58 -25.74 -6.13 7.64
N HIS B 59 -26.31 -6.99 6.77
CA HIS B 59 -26.09 -8.44 6.93
C HIS B 59 -24.65 -8.84 6.68
N GLY B 60 -24.35 -10.11 6.98
CA GLY B 60 -22.98 -10.59 6.91
C GLY B 60 -22.70 -11.05 5.51
N ALA B 61 -21.44 -11.45 5.29
CA ALA B 61 -21.00 -12.05 4.07
C ALA B 61 -21.95 -13.16 3.58
N ARG B 62 -22.25 -13.15 2.28
CA ARG B 62 -23.21 -14.06 1.71
C ARG B 62 -22.63 -14.74 0.47
N TYR B 63 -23.22 -15.87 0.15
CA TYR B 63 -23.01 -16.49 -1.14
C TYR B 63 -23.51 -15.57 -2.25
N PRO B 64 -23.02 -15.79 -3.49
CA PRO B 64 -23.51 -14.98 -4.61
C PRO B 64 -25.00 -15.24 -4.84
N THR B 65 -25.75 -14.27 -5.35
CA THR B 65 -27.16 -14.53 -5.57
C THR B 65 -27.29 -15.61 -6.64
N ASP B 66 -28.48 -16.21 -6.76
CA ASP B 66 -28.68 -17.31 -7.70
C ASP B 66 -28.35 -16.93 -9.16
N SER B 67 -28.94 -15.82 -9.61
CA SER B 67 -28.56 -15.13 -10.85
C SER B 67 -27.05 -15.18 -11.12
N LYS B 68 -26.28 -14.46 -10.28
CA LYS B 68 -24.84 -14.22 -10.49
C LYS B 68 -24.02 -15.48 -10.48
N GLY B 69 -24.38 -16.39 -9.57
CA GLY B 69 -23.69 -17.69 -9.46
C GLY B 69 -23.84 -18.54 -10.70
N LYS B 70 -25.06 -18.56 -11.29
CA LYS B 70 -25.32 -19.21 -12.59
C LYS B 70 -24.21 -18.74 -13.55
N LYS B 71 -24.20 -17.43 -13.78
CA LYS B 71 -23.24 -16.80 -14.67
C LYS B 71 -21.77 -17.15 -14.33
N TYR B 72 -21.35 -17.00 -13.08
CA TYR B 72 -19.98 -17.33 -12.68
C TYR B 72 -19.64 -18.76 -13.07
N SER B 73 -20.52 -19.66 -12.67
CA SER B 73 -20.44 -21.09 -12.96
C SER B 73 -20.37 -21.32 -14.49
N ALA B 74 -21.32 -20.73 -15.22
CA ALA B 74 -21.33 -20.74 -16.69
C ALA B 74 -20.05 -20.22 -17.28
N LEU B 75 -19.58 -19.07 -16.79
CA LEU B 75 -18.37 -18.48 -17.33
C LEU B 75 -17.21 -19.45 -17.17
N ILE B 76 -17.05 -19.99 -15.98
CA ILE B 76 -15.86 -20.82 -15.73
C ILE B 76 -15.90 -22.10 -16.54
N GLU B 77 -17.09 -22.60 -16.87
CA GLU B 77 -17.20 -23.75 -17.76
C GLU B 77 -16.67 -23.39 -19.17
N GLU B 78 -17.14 -22.26 -19.70
CA GLU B 78 -16.71 -21.77 -21.01
C GLU B 78 -15.21 -21.51 -21.05
N ILE B 79 -14.69 -20.98 -19.95
CA ILE B 79 -13.26 -20.81 -19.85
C ILE B 79 -12.53 -22.17 -19.98
N GLN B 80 -13.09 -23.20 -19.36
CA GLN B 80 -12.48 -24.54 -19.37
C GLN B 80 -12.70 -25.31 -20.68
N GLN B 81 -13.81 -25.03 -21.36
CA GLN B 81 -14.06 -25.64 -22.66
C GLN B 81 -13.14 -25.09 -23.76
N ASN B 82 -12.84 -23.79 -23.72
CA ASN B 82 -12.20 -23.10 -24.84
C ASN B 82 -10.67 -22.96 -24.78
N ALA B 83 -10.12 -22.71 -23.60
CA ALA B 83 -8.69 -22.36 -23.49
C ALA B 83 -7.74 -23.55 -23.71
N THR B 84 -6.51 -23.24 -24.14
CA THR B 84 -5.54 -24.30 -24.44
C THR B 84 -4.34 -24.29 -23.50
N THR B 85 -4.08 -23.15 -22.87
CA THR B 85 -3.05 -23.06 -21.83
C THR B 85 -3.52 -22.45 -20.49
N PHE B 86 -3.75 -23.33 -19.52
CA PHE B 86 -3.90 -22.89 -18.15
C PHE B 86 -2.58 -23.14 -17.49
N ASP B 87 -1.65 -22.19 -17.61
CA ASP B 87 -0.43 -22.28 -16.81
C ASP B 87 0.01 -20.98 -16.11
N GLY B 88 1.13 -21.04 -15.39
CA GLY B 88 1.50 -20.02 -14.40
C GLY B 88 0.36 -19.85 -13.39
N LYS B 89 0.01 -18.59 -13.12
CA LYS B 89 -1.10 -18.25 -12.23
C LYS B 89 -2.48 -18.71 -12.74
N TYR B 90 -2.53 -19.25 -13.94
CA TYR B 90 -3.81 -19.70 -14.50
C TYR B 90 -4.11 -21.18 -14.24
N ALA B 91 -3.11 -21.96 -13.84
CA ALA B 91 -3.25 -23.41 -13.77
C ALA B 91 -4.55 -23.88 -13.08
N PHE B 92 -4.88 -23.20 -11.98
CA PHE B 92 -5.98 -23.57 -11.08
C PHE B 92 -7.33 -23.63 -11.79
N LEU B 93 -7.45 -22.81 -12.83
CA LEU B 93 -8.69 -22.74 -13.57
C LEU B 93 -9.00 -24.00 -14.35
N LYS B 94 -7.97 -24.79 -14.64
CA LYS B 94 -8.20 -26.00 -15.44
C LYS B 94 -9.25 -26.89 -14.78
N THR B 95 -9.02 -27.14 -13.48
CA THR B 95 -9.82 -28.05 -12.67
C THR B 95 -10.88 -27.39 -11.79
N TYR B 96 -10.76 -26.09 -11.56
CA TYR B 96 -11.63 -25.40 -10.63
C TYR B 96 -13.07 -25.91 -10.72
N ASN B 97 -13.63 -26.25 -9.57
CA ASN B 97 -14.93 -26.94 -9.47
C ASN B 97 -15.92 -26.15 -8.64
N TYR B 98 -16.67 -25.27 -9.31
CA TYR B 98 -17.57 -24.32 -8.64
C TYR B 98 -18.61 -25.04 -7.77
N SER B 99 -18.50 -24.81 -6.46
CA SER B 99 -19.41 -25.43 -5.47
C SER B 99 -20.12 -24.47 -4.51
N LEU B 100 -19.77 -23.18 -4.57
CA LEU B 100 -20.41 -22.11 -3.75
C LEU B 100 -21.92 -22.23 -3.59
N GLY B 101 -22.42 -21.81 -2.43
CA GLY B 101 -23.86 -21.80 -2.13
C GLY B 101 -24.51 -20.62 -2.78
N ALA B 102 -25.73 -20.27 -2.35
CA ALA B 102 -26.49 -19.23 -3.04
C ALA B 102 -27.45 -18.43 -2.17
N ASP B 103 -27.27 -17.11 -2.18
CA ASP B 103 -28.10 -16.17 -1.43
C ASP B 103 -27.83 -16.17 0.08
N ASP B 104 -27.53 -17.36 0.61
CA ASP B 104 -27.52 -17.57 2.05
C ASP B 104 -26.30 -16.87 2.65
N LEU B 105 -26.35 -16.59 3.94
CA LEU B 105 -25.18 -16.19 4.70
C LEU B 105 -24.12 -17.33 4.65
N THR B 106 -22.84 -17.01 4.68
CA THR B 106 -21.83 -18.07 4.81
C THR B 106 -21.41 -18.30 6.29
N PRO B 107 -20.84 -19.47 6.62
CA PRO B 107 -20.38 -19.57 8.01
C PRO B 107 -19.62 -18.33 8.47
N PHE B 108 -18.70 -17.85 7.64
CA PHE B 108 -17.93 -16.63 7.94
C PHE B 108 -18.87 -15.39 8.15
N GLY B 109 -19.80 -15.20 7.25
CA GLY B 109 -20.75 -14.11 7.38
C GLY B 109 -21.53 -14.22 8.68
N GLU B 110 -21.85 -15.44 9.06
CA GLU B 110 -22.51 -15.71 10.33
C GLU B 110 -21.68 -15.24 11.52
N GLN B 111 -20.42 -15.68 11.55
CA GLN B 111 -19.49 -15.30 12.59
C GLN B 111 -19.26 -13.78 12.69
N GLU B 112 -19.26 -13.12 11.55
CA GLU B 112 -19.14 -11.65 11.50
C GLU B 112 -20.21 -11.01 12.34
N LEU B 113 -21.44 -11.49 12.25
CA LEU B 113 -22.49 -10.79 12.97
C LEU B 113 -22.50 -11.20 14.45
N VAL B 114 -21.88 -12.35 14.75
CA VAL B 114 -21.75 -12.84 16.12
C VAL B 114 -20.76 -11.86 16.71
N ASN B 115 -19.65 -11.67 15.99
CA ASN B 115 -18.62 -10.77 16.47
C ASN B 115 -19.13 -9.30 16.65
N SER B 116 -19.92 -8.80 15.71
CA SER B 116 -20.54 -7.48 15.82
C SER B 116 -21.38 -7.40 17.11
N GLY B 117 -22.08 -8.49 17.47
CA GLY B 117 -22.89 -8.60 18.70
C GLY B 117 -22.05 -8.47 19.96
N ILE B 118 -20.96 -9.21 20.00
CA ILE B 118 -20.03 -9.13 21.08
C ILE B 118 -19.53 -7.69 21.21
N LYS B 119 -19.07 -7.15 20.09
CA LYS B 119 -18.45 -5.84 20.10
C LYS B 119 -19.47 -4.82 20.56
N PHE B 120 -20.70 -4.92 20.06
CA PHE B 120 -21.70 -3.91 20.49
C PHE B 120 -21.94 -4.02 21.99
N TYR B 121 -21.98 -5.27 22.50
CA TYR B 121 -22.28 -5.52 23.91
C TYR B 121 -21.29 -4.77 24.78
N GLN B 122 -20.02 -4.94 24.43
CA GLN B 122 -18.90 -4.46 25.20
C GLN B 122 -18.73 -2.92 25.20
N ARG B 123 -18.84 -2.31 24.01
CA ARG B 123 -18.58 -0.92 23.83
C ARG B 123 -19.59 -0.15 24.67
N TYR B 124 -20.77 -0.71 24.81
CA TYR B 124 -21.80 0.00 25.57
C TYR B 124 -22.23 -0.80 26.81
N GLU B 125 -21.31 -1.65 27.25
CA GLU B 125 -21.47 -2.47 28.47
C GLU B 125 -22.21 -1.81 29.65
N SER B 126 -21.87 -0.57 29.93
CA SER B 126 -22.45 0.03 31.10
C SER B 126 -23.94 0.33 30.84
N LEU B 127 -24.42 0.07 29.62
CA LEU B 127 -25.86 0.12 29.31
C LEU B 127 -26.49 -1.20 28.90
N THR B 128 -25.65 -2.06 28.28
CA THR B 128 -26.09 -3.31 27.69
C THR B 128 -26.24 -4.37 28.81
N ARG B 129 -25.87 -3.99 30.02
CA ARG B 129 -25.90 -4.92 31.12
C ARG B 129 -27.27 -5.08 31.68
N ASN B 130 -28.13 -4.07 31.49
CA ASN B 130 -29.46 -4.10 32.10
C ASN B 130 -30.54 -3.43 31.28
N ILE B 131 -30.22 -3.15 30.03
CA ILE B 131 -31.23 -2.64 29.11
C ILE B 131 -31.31 -3.53 27.89
N VAL B 132 -32.52 -4.02 27.63
CA VAL B 132 -32.78 -4.82 26.45
C VAL B 132 -33.06 -3.90 25.24
N PRO B 133 -32.15 -3.94 24.24
CA PRO B 133 -32.31 -3.11 23.04
C PRO B 133 -33.59 -3.39 22.25
N PHE B 134 -34.21 -2.36 21.69
CA PHE B 134 -35.33 -2.59 20.78
C PHE B 134 -34.80 -2.82 19.37
N ILE B 135 -35.26 -3.90 18.75
CA ILE B 135 -34.53 -4.44 17.58
C ILE B 135 -35.41 -4.66 16.34
N ARG B 136 -35.03 -4.03 15.23
CA ARG B 136 -35.78 -4.20 13.98
C ARG B 136 -34.97 -4.80 12.86
N SER B 137 -35.64 -5.42 11.88
CA SER B 137 -34.93 -6.04 10.76
C SER B 137 -35.74 -5.97 9.52
N SER B 138 -35.12 -5.59 8.41
CA SER B 138 -35.81 -5.68 7.12
C SER B 138 -36.12 -7.16 6.89
N GLY B 139 -37.08 -7.45 6.02
CA GLY B 139 -37.50 -8.85 5.82
C GLY B 139 -36.82 -9.57 4.68
N SER B 140 -35.66 -10.20 4.93
CA SER B 140 -34.94 -10.96 3.92
C SER B 140 -34.18 -12.01 4.70
N SER B 141 -34.22 -13.27 4.28
CA SER B 141 -33.61 -14.32 5.09
C SER B 141 -32.23 -13.92 5.61
N ARG B 142 -31.38 -13.36 4.75
CA ARG B 142 -30.01 -13.10 5.16
C ARG B 142 -29.92 -12.01 6.22
N VAL B 143 -30.89 -11.10 6.23
CA VAL B 143 -30.87 -9.95 7.12
C VAL B 143 -31.33 -10.38 8.52
N ILE B 144 -32.51 -11.00 8.56
CA ILE B 144 -33.12 -11.71 9.71
C ILE B 144 -32.14 -12.66 10.39
N ALA B 145 -31.54 -13.55 9.63
CA ALA B 145 -30.54 -14.44 10.20
C ALA B 145 -29.38 -13.69 10.81
N SER B 146 -28.98 -12.59 10.17
CA SER B 146 -27.82 -11.82 10.62
C SER B 146 -28.18 -11.09 11.90
N GLY B 147 -29.37 -10.50 11.95
CA GLY B 147 -29.86 -9.93 13.18
C GLY B 147 -29.73 -10.95 14.33
N LYS B 148 -30.21 -12.16 14.09
CA LYS B 148 -30.21 -13.21 15.12
C LYS B 148 -28.82 -13.71 15.48
N LYS B 149 -27.85 -13.65 14.56
CA LYS B 149 -26.48 -13.96 14.91
C LYS B 149 -25.82 -12.86 15.76
N PHE B 150 -26.26 -11.63 15.55
CA PHE B 150 -25.80 -10.53 16.34
C PHE B 150 -26.43 -10.69 17.74
N ILE B 151 -27.73 -10.92 17.83
CA ILE B 151 -28.37 -11.16 19.15
C ILE B 151 -27.73 -12.31 19.91
N GLU B 152 -27.34 -13.33 19.18
CA GLU B 152 -26.63 -14.49 19.71
C GLU B 152 -25.35 -14.14 20.42
N GLY B 153 -24.48 -13.38 19.77
CA GLY B 153 -23.19 -12.98 20.34
C GLY B 153 -23.33 -11.97 21.46
N PHE B 154 -24.26 -11.02 21.30
CA PHE B 154 -24.67 -10.11 22.39
C PHE B 154 -25.05 -10.90 23.65
N GLN B 155 -25.90 -11.89 23.47
CA GLN B 155 -26.43 -12.64 24.61
C GLN B 155 -25.34 -13.48 25.28
N SER B 156 -24.42 -14.03 24.49
CA SER B 156 -23.29 -14.83 25.02
C SER B 156 -22.34 -14.03 25.87
N THR B 157 -22.19 -12.76 25.51
CA THR B 157 -21.32 -11.84 26.23
C THR B 157 -22.04 -11.37 27.49
N LYS B 158 -23.33 -11.07 27.39
CA LYS B 158 -24.15 -10.68 28.55
C LYS B 158 -24.11 -11.73 29.69
N LEU B 159 -24.23 -13.01 29.35
CA LEU B 159 -24.09 -14.06 30.34
C LEU B 159 -22.70 -14.15 30.97
N LYS B 160 -21.65 -13.79 30.26
CA LYS B 160 -20.33 -13.88 30.93
C LYS B 160 -19.97 -12.62 31.71
N ASP B 161 -20.94 -11.71 31.83
CA ASP B 161 -20.64 -10.41 32.36
C ASP B 161 -21.08 -10.31 33.81
N PRO B 162 -20.12 -10.18 34.74
CA PRO B 162 -20.44 -10.15 36.16
C PRO B 162 -21.37 -8.98 36.57
N ARG B 163 -21.32 -7.87 35.83
CA ARG B 163 -22.17 -6.72 36.18
C ARG B 163 -23.56 -6.73 35.56
N ALA B 164 -23.92 -7.81 34.86
CA ALA B 164 -25.22 -7.91 34.20
C ALA B 164 -26.38 -8.09 35.18
N GLN B 165 -27.56 -7.50 34.88
CA GLN B 165 -28.81 -7.88 35.54
C GLN B 165 -29.41 -9.09 34.80
N PRO B 166 -29.28 -10.31 35.37
CA PRO B 166 -29.66 -11.56 34.70
C PRO B 166 -31.15 -11.84 34.81
N GLY B 167 -31.67 -12.77 34.01
CA GLY B 167 -33.10 -13.07 33.97
C GLY B 167 -34.03 -11.94 33.51
N GLN B 168 -33.51 -11.07 32.62
CA GLN B 168 -34.34 -10.13 31.87
C GLN B 168 -34.79 -10.87 30.63
N SER B 169 -35.80 -10.35 29.93
CA SER B 169 -36.19 -11.04 28.69
C SER B 169 -35.03 -11.04 27.71
N SER B 170 -34.97 -12.09 26.91
CA SER B 170 -34.14 -12.10 25.71
C SER B 170 -34.25 -10.81 24.87
N PRO B 171 -33.12 -10.38 24.30
CA PRO B 171 -33.31 -9.53 23.13
C PRO B 171 -33.81 -10.41 21.96
N LYS B 172 -34.68 -9.87 21.12
CA LYS B 172 -35.19 -10.62 19.96
C LYS B 172 -35.39 -9.67 18.81
N ILE B 173 -35.81 -10.16 17.63
CA ILE B 173 -36.20 -9.28 16.56
C ILE B 173 -37.65 -8.82 16.75
N ASP B 174 -37.82 -7.62 17.23
CA ASP B 174 -39.11 -7.18 17.68
C ASP B 174 -40.06 -6.94 16.55
N VAL B 175 -39.53 -6.64 15.38
CA VAL B 175 -40.34 -6.22 14.27
C VAL B 175 -39.54 -6.65 13.05
N VAL B 176 -40.13 -7.55 12.25
CA VAL B 176 -39.65 -7.80 10.90
C VAL B 176 -40.45 -6.86 9.98
N ILE B 177 -39.72 -5.96 9.29
CA ILE B 177 -40.33 -5.06 8.32
C ILE B 177 -40.31 -5.67 6.91
N SER B 178 -41.47 -5.68 6.28
CA SER B 178 -41.64 -6.25 4.96
C SER B 178 -40.91 -5.55 3.80
N GLU B 179 -40.40 -6.37 2.89
CA GLU B 179 -39.82 -5.94 1.64
C GLU B 179 -40.79 -5.98 0.43
N ALA B 180 -42.03 -6.44 0.64
CA ALA B 180 -43.00 -6.50 -0.50
C ALA B 180 -43.07 -5.12 -1.09
N SER B 181 -43.29 -5.09 -2.41
CA SER B 181 -43.20 -3.87 -3.21
C SER B 181 -44.13 -2.78 -2.69
N SER B 182 -45.16 -3.14 -1.92
CA SER B 182 -46.06 -2.13 -1.38
C SER B 182 -45.78 -1.76 0.07
N SER B 183 -44.74 -2.35 0.65
CA SER B 183 -44.39 -2.12 2.05
C SER B 183 -43.59 -0.82 2.28
N ASN B 184 -44.14 0.09 3.09
CA ASN B 184 -43.38 1.27 3.53
C ASN B 184 -42.25 0.74 4.43
N ASN B 185 -41.05 0.57 3.88
CA ASN B 185 -39.91 0.00 4.63
C ASN B 185 -38.80 1.06 4.80
N THR B 186 -38.51 1.54 6.01
CA THR B 186 -37.51 2.63 6.13
C THR B 186 -36.07 2.15 6.08
N LEU B 187 -35.89 0.85 6.21
CA LEU B 187 -34.55 0.25 6.24
C LEU B 187 -33.98 0.14 4.84
N ASP B 188 -34.87 0.06 3.83
CA ASP B 188 -34.47 -0.06 2.42
C ASP B 188 -35.73 0.13 1.56
N PRO B 189 -36.17 1.40 1.38
CA PRO B 189 -37.48 1.67 0.81
C PRO B 189 -37.65 1.16 -0.60
N GLY B 190 -38.88 0.80 -0.95
CA GLY B 190 -39.11 0.18 -2.24
C GLY B 190 -40.27 0.81 -2.97
N THR B 191 -40.77 1.92 -2.45
CA THR B 191 -41.99 2.50 -3.00
C THR B 191 -41.81 3.71 -3.88
N CYS B 192 -40.63 4.29 -3.92
CA CYS B 192 -40.39 5.48 -4.73
C CYS B 192 -40.24 5.08 -6.21
N THR B 193 -41.37 5.07 -6.92
CA THR B 193 -41.42 4.59 -8.31
C THR B 193 -40.37 5.17 -9.28
N VAL B 194 -40.17 6.48 -9.23
CA VAL B 194 -39.23 7.11 -10.15
C VAL B 194 -37.81 6.60 -9.86
N PHE B 195 -37.45 6.49 -8.56
CA PHE B 195 -36.16 5.99 -8.14
C PHE B 195 -35.95 4.51 -8.50
N GLU B 196 -36.99 3.71 -8.32
CA GLU B 196 -36.88 2.29 -8.66
C GLU B 196 -36.53 2.09 -10.15
N ASP B 197 -36.92 3.06 -11.00
CA ASP B 197 -36.72 2.99 -12.46
C ASP B 197 -35.37 3.58 -12.94
N SER B 198 -34.72 4.43 -12.11
CA SER B 198 -33.45 5.10 -12.45
C SER B 198 -32.41 4.16 -13.08
N GLU B 199 -31.66 4.68 -14.06
CA GLU B 199 -30.63 3.89 -14.73
C GLU B 199 -29.31 4.67 -14.74
N LEU B 200 -29.22 5.72 -13.93
CA LEU B 200 -27.98 6.51 -13.80
C LEU B 200 -26.74 5.65 -13.39
N ALA B 201 -26.89 4.78 -12.40
CA ALA B 201 -25.82 3.88 -11.94
C ALA B 201 -25.22 2.99 -13.05
N ASP B 202 -26.08 2.34 -13.82
CA ASP B 202 -25.66 1.58 -15.02
C ASP B 202 -24.83 2.40 -16.00
N THR B 203 -25.29 3.61 -16.26
CA THR B 203 -24.57 4.46 -17.21
C THR B 203 -23.15 4.67 -16.72
N VAL B 204 -23.00 5.13 -15.48
CA VAL B 204 -21.68 5.32 -14.85
C VAL B 204 -20.86 4.03 -14.76
N GLU B 205 -21.53 2.90 -14.51
CA GLU B 205 -20.82 1.65 -14.37
C GLU B 205 -20.25 1.35 -15.73
N ALA B 206 -21.06 1.46 -16.79
CA ALA B 206 -20.54 1.15 -18.15
C ALA B 206 -19.45 2.11 -18.56
N ASN B 207 -19.70 3.40 -18.36
CA ASN B 207 -18.72 4.41 -18.72
C ASN B 207 -17.36 4.20 -18.06
N PHE B 208 -17.33 3.91 -16.76
CA PHE B 208 -16.04 3.82 -16.02
C PHE B 208 -15.38 2.47 -16.26
N THR B 209 -16.17 1.44 -16.54
CA THR B 209 -15.55 0.17 -16.82
C THR B 209 -14.89 0.14 -18.19
N ALA B 210 -15.24 1.10 -19.05
CA ALA B 210 -14.66 1.20 -20.39
C ALA B 210 -13.27 1.81 -20.32
N THR B 211 -12.95 2.40 -19.18
CA THR B 211 -11.68 3.08 -19.05
C THR B 211 -10.57 2.18 -18.48
N PHE B 212 -10.93 0.98 -17.98
CA PHE B 212 -9.92 0.15 -17.31
C PHE B 212 -10.02 -1.35 -17.51
N VAL B 213 -11.24 -1.85 -17.73
CA VAL B 213 -11.43 -3.27 -17.97
C VAL B 213 -10.86 -3.86 -19.31
N PRO B 214 -10.99 -3.12 -20.45
CA PRO B 214 -10.38 -3.58 -21.73
C PRO B 214 -8.91 -4.09 -21.67
N SER B 215 -8.04 -3.38 -20.95
CA SER B 215 -6.65 -3.77 -20.81
C SER B 215 -6.53 -5.08 -20.09
N ILE B 216 -7.50 -5.37 -19.24
CA ILE B 216 -7.45 -6.58 -18.44
C ILE B 216 -7.94 -7.69 -19.34
N ARG B 217 -9.07 -7.44 -20.01
CA ARG B 217 -9.61 -8.35 -21.01
C ARG B 217 -8.55 -8.81 -22.02
N GLN B 218 -7.77 -7.88 -22.54
CA GLN B 218 -6.78 -8.19 -23.56
C GLN B 218 -5.80 -9.19 -22.98
N ARG B 219 -5.18 -8.79 -21.87
CA ARG B 219 -4.23 -9.61 -21.15
C ARG B 219 -4.78 -11.00 -20.87
N LEU B 220 -6.01 -11.08 -20.36
CA LEU B 220 -6.61 -12.39 -20.06
C LEU B 220 -6.88 -13.26 -21.29
N GLU B 221 -7.27 -12.66 -22.41
CA GLU B 221 -7.46 -13.43 -23.65
C GLU B 221 -6.10 -13.83 -24.20
N ASN B 222 -5.13 -12.95 -24.00
CA ASN B 222 -3.75 -13.19 -24.40
C ASN B 222 -3.16 -14.40 -23.71
N ASP B 223 -3.41 -14.50 -22.40
CA ASP B 223 -2.86 -15.55 -21.55
C ASP B 223 -3.63 -16.86 -21.67
N LEU B 224 -4.91 -16.75 -21.95
CA LEU B 224 -5.77 -17.92 -22.06
C LEU B 224 -6.21 -18.08 -23.52
N SER B 225 -5.32 -18.62 -24.34
CA SER B 225 -5.55 -18.84 -25.78
C SER B 225 -6.79 -19.63 -26.14
N GLY B 226 -7.73 -18.97 -26.84
CA GLY B 226 -8.94 -19.67 -27.31
C GLY B 226 -10.18 -19.16 -26.60
N VAL B 227 -9.94 -18.23 -25.67
CA VAL B 227 -10.98 -17.67 -24.82
C VAL B 227 -11.32 -16.27 -25.30
N THR B 228 -12.60 -15.92 -25.33
CA THR B 228 -12.96 -14.58 -25.76
C THR B 228 -13.93 -14.02 -24.73
N LEU B 229 -13.59 -12.87 -24.15
CA LEU B 229 -14.28 -12.36 -22.94
C LEU B 229 -14.98 -11.01 -23.15
N THR B 230 -16.14 -10.83 -22.49
CA THR B 230 -16.76 -9.48 -22.44
C THR B 230 -16.27 -8.72 -21.21
N ASP B 231 -16.29 -7.41 -21.26
CA ASP B 231 -15.91 -6.62 -20.09
C ASP B 231 -16.66 -7.08 -18.84
N THR B 232 -17.90 -7.52 -19.04
CA THR B 232 -18.71 -7.88 -17.88
C THR B 232 -18.15 -9.14 -17.27
N GLU B 233 -17.81 -10.08 -18.13
CA GLU B 233 -17.25 -11.33 -17.69
C GLU B 233 -15.96 -11.09 -16.91
N VAL B 234 -15.19 -10.10 -17.30
CA VAL B 234 -13.97 -9.83 -16.59
C VAL B 234 -14.34 -9.40 -15.18
N THR B 235 -15.34 -8.52 -15.03
CA THR B 235 -15.69 -8.17 -13.66
C THR B 235 -16.18 -9.38 -12.84
N TYR B 236 -16.76 -10.37 -13.51
CA TYR B 236 -17.15 -11.61 -12.81
C TYR B 236 -15.94 -12.33 -12.19
N LEU B 237 -14.88 -12.54 -12.96
CA LEU B 237 -13.64 -13.14 -12.42
C LEU B 237 -13.08 -12.29 -11.28
N MET B 238 -13.22 -10.98 -11.37
CA MET B 238 -12.85 -10.13 -10.26
C MET B 238 -13.75 -10.39 -9.03
N ASP B 239 -15.08 -10.42 -9.24
CA ASP B 239 -16.06 -10.73 -8.18
C ASP B 239 -15.67 -12.09 -7.50
N MET B 240 -15.27 -13.08 -8.29
CA MET B 240 -14.86 -14.41 -7.75
C MET B 240 -13.73 -14.39 -6.73
N CYS B 241 -12.88 -13.36 -6.75
CA CYS B 241 -11.77 -13.23 -5.81
C CYS B 241 -12.24 -12.93 -4.39
N SER B 242 -13.37 -12.23 -4.26
CA SER B 242 -13.97 -12.02 -2.97
C SER B 242 -14.67 -13.33 -2.55
N PHE B 243 -15.53 -13.85 -3.40
CA PHE B 243 -16.35 -14.98 -3.04
C PHE B 243 -15.58 -16.27 -2.81
N ASP B 244 -14.57 -16.55 -3.64
CA ASP B 244 -13.75 -17.75 -3.48
C ASP B 244 -12.89 -17.64 -2.20
N THR B 245 -12.60 -16.43 -1.76
CA THR B 245 -11.82 -16.30 -0.56
C THR B 245 -12.69 -16.54 0.69
N ILE B 246 -13.72 -15.74 0.84
CA ILE B 246 -14.44 -15.66 2.10
C ILE B 246 -15.63 -16.59 2.21
N SER B 247 -15.71 -17.57 1.30
CA SER B 247 -16.79 -18.55 1.27
C SER B 247 -16.33 -19.88 1.79
N THR B 248 -15.04 -20.09 1.87
CA THR B 248 -14.55 -21.38 2.33
C THR B 248 -13.80 -21.38 3.65
N SER B 249 -13.42 -22.60 4.03
CA SER B 249 -12.53 -22.95 5.14
C SER B 249 -11.42 -21.92 5.21
N THR B 250 -10.82 -21.66 4.07
CA THR B 250 -9.56 -20.91 4.03
C THR B 250 -9.67 -19.40 4.22
N VAL B 251 -10.82 -18.90 4.68
CA VAL B 251 -10.99 -17.44 4.82
C VAL B 251 -9.76 -16.78 5.39
N ASP B 252 -9.29 -17.35 6.50
CA ASP B 252 -8.18 -16.78 7.29
C ASP B 252 -6.76 -17.18 6.82
N THR B 253 -6.64 -18.27 6.06
CA THR B 253 -5.31 -18.81 5.70
C THR B 253 -4.81 -18.48 4.28
N LYS B 254 -5.69 -18.53 3.28
CA LYS B 254 -5.31 -18.25 1.89
C LYS B 254 -6.22 -17.25 1.20
N LEU B 255 -5.59 -16.30 0.50
CA LEU B 255 -6.26 -15.46 -0.51
C LEU B 255 -6.60 -16.29 -1.77
N SER B 256 -7.82 -16.16 -2.28
CA SER B 256 -8.26 -16.93 -3.47
C SER B 256 -7.30 -16.83 -4.65
N PRO B 257 -7.18 -17.93 -5.44
CA PRO B 257 -6.27 -17.91 -6.62
C PRO B 257 -6.70 -16.86 -7.68
N PHE B 258 -8.01 -16.62 -7.78
CA PHE B 258 -8.60 -15.58 -8.62
C PHE B 258 -8.01 -14.18 -8.42
N CYS B 259 -7.58 -13.89 -7.21
CA CYS B 259 -7.10 -12.54 -6.87
C CYS B 259 -5.78 -12.18 -7.52
N ASP B 260 -4.98 -13.20 -7.78
CA ASP B 260 -3.63 -13.01 -8.33
C ASP B 260 -3.67 -12.76 -9.85
N LEU B 261 -4.82 -13.00 -10.49
CA LEU B 261 -5.00 -12.70 -11.92
C LEU B 261 -5.14 -11.21 -12.19
N PHE B 262 -5.24 -10.42 -11.14
CA PHE B 262 -5.37 -8.99 -11.31
C PHE B 262 -4.24 -8.31 -10.53
N THR B 263 -3.90 -7.08 -10.88
CA THR B 263 -2.86 -6.38 -10.15
C THR B 263 -3.47 -5.46 -9.11
N HIS B 264 -2.61 -5.01 -8.18
CA HIS B 264 -3.02 -4.08 -7.16
C HIS B 264 -3.79 -2.89 -7.75
N ASP B 265 -3.22 -2.30 -8.79
CA ASP B 265 -3.79 -1.09 -9.41
C ASP B 265 -5.13 -1.41 -10.06
N GLU B 266 -5.20 -2.59 -10.68
CA GLU B 266 -6.45 -3.15 -11.10
C GLU B 266 -7.43 -3.35 -9.97
N TRP B 267 -6.96 -3.82 -8.80
CA TRP B 267 -7.84 -3.77 -7.61
C TRP B 267 -8.36 -2.38 -7.20
N ILE B 268 -7.49 -1.37 -7.24
CA ILE B 268 -7.90 -0.01 -6.92
C ILE B 268 -9.11 0.48 -7.76
N ASN B 269 -9.02 0.23 -9.08
CA ASN B 269 -10.06 0.58 -9.98
C ASN B 269 -11.28 -0.22 -9.58
N TYR B 270 -11.12 -1.52 -9.41
CA TYR B 270 -12.27 -2.30 -8.97
C TYR B 270 -12.98 -1.66 -7.75
N ASP B 271 -12.21 -1.32 -6.73
CA ASP B 271 -12.80 -0.74 -5.54
C ASP B 271 -13.58 0.50 -5.91
N TYR B 272 -12.97 1.36 -6.71
CA TYR B 272 -13.54 2.64 -7.05
C TYR B 272 -14.81 2.52 -7.84
N LEU B 273 -14.80 1.58 -8.80
CA LEU B 273 -16.01 1.17 -9.48
C LEU B 273 -17.12 0.94 -8.48
N GLN B 274 -16.88 0.07 -7.50
CA GLN B 274 -17.91 -0.21 -6.48
C GLN B 274 -18.33 1.09 -5.75
N SER B 275 -17.40 1.98 -5.44
CA SER B 275 -17.82 3.23 -4.84
C SER B 275 -18.81 3.96 -5.74
N LEU B 276 -18.55 3.96 -7.07
CA LEU B 276 -19.43 4.62 -8.09
C LEU B 276 -20.81 4.05 -8.16
N LYS B 277 -20.89 2.72 -8.29
CA LYS B 277 -22.16 2.02 -8.22
C LYS B 277 -23.00 2.53 -7.01
N LYS B 278 -22.36 2.52 -5.82
CA LYS B 278 -23.08 2.95 -4.61
C LYS B 278 -23.42 4.45 -4.63
N TYR B 279 -22.42 5.29 -4.90
CA TYR B 279 -22.65 6.72 -4.97
C TYR B 279 -23.71 7.18 -5.95
N TYR B 280 -23.68 6.64 -7.18
CA TYR B 280 -24.64 7.07 -8.20
C TYR B 280 -25.94 6.30 -8.12
N GLY B 281 -25.93 5.13 -7.45
CA GLY B 281 -27.13 4.32 -7.27
C GLY B 281 -28.02 4.83 -6.15
N HIS B 282 -27.42 5.12 -5.00
CA HIS B 282 -28.20 5.35 -3.78
C HIS B 282 -27.72 6.58 -2.97
N GLY B 283 -26.49 6.99 -3.23
CA GLY B 283 -25.93 8.15 -2.54
C GLY B 283 -26.27 9.48 -3.18
N ALA B 284 -25.46 10.47 -2.83
CA ALA B 284 -25.62 11.86 -3.29
C ALA B 284 -25.61 12.03 -4.81
N GLY B 285 -24.86 11.18 -5.49
CA GLY B 285 -24.84 11.23 -6.95
C GLY B 285 -26.17 10.96 -7.65
N ASN B 286 -27.12 10.37 -6.95
CA ASN B 286 -28.41 10.07 -7.59
C ASN B 286 -29.49 11.00 -7.03
N PRO B 287 -30.29 11.62 -7.89
CA PRO B 287 -31.14 12.72 -7.37
C PRO B 287 -32.12 12.27 -6.33
N LEU B 288 -32.42 10.97 -6.27
CA LEU B 288 -33.45 10.47 -5.35
C LEU B 288 -32.85 9.52 -4.33
N GLY B 289 -31.54 9.43 -4.31
CA GLY B 289 -30.84 8.47 -3.45
C GLY B 289 -30.99 8.85 -1.98
N PRO B 290 -30.51 10.06 -1.58
CA PRO B 290 -30.62 10.46 -0.18
C PRO B 290 -32.11 10.55 0.22
N THR B 291 -32.98 10.68 -0.77
CA THR B 291 -34.40 10.71 -0.45
C THR B 291 -34.84 9.31 0.05
N GLN B 292 -34.09 8.30 -0.33
CA GLN B 292 -34.42 6.95 0.10
C GLN B 292 -34.14 6.82 1.60
N GLY B 293 -33.27 7.69 2.13
CA GLY B 293 -32.88 7.65 3.55
C GLY B 293 -33.68 8.53 4.48
N VAL B 294 -34.69 9.25 3.95
CA VAL B 294 -35.30 10.27 4.83
C VAL B 294 -36.24 9.68 5.86
N GLY B 295 -36.82 8.53 5.55
CA GLY B 295 -37.71 7.81 6.51
C GLY B 295 -36.97 7.38 7.78
N TYR B 296 -35.81 6.78 7.61
CA TYR B 296 -35.05 6.35 8.72
C TYR B 296 -34.49 7.51 9.48
N ALA B 297 -34.10 8.57 8.76
CA ALA B 297 -33.61 9.78 9.41
C ALA B 297 -34.66 10.38 10.27
N ASN B 298 -35.94 10.31 9.89
CA ASN B 298 -36.97 10.88 10.77
C ASN B 298 -37.28 9.95 11.97
N GLU B 299 -37.00 8.64 11.83
CA GLU B 299 -37.15 7.71 12.97
C GLU B 299 -36.00 7.94 13.93
N LEU B 300 -34.80 8.13 13.39
CA LEU B 300 -33.72 8.50 14.28
C LEU B 300 -34.01 9.82 15.02
N ILE B 301 -34.65 10.79 14.37
CA ILE B 301 -34.96 12.06 15.02
C ILE B 301 -35.95 11.86 16.17
N ALA B 302 -37.03 11.14 15.90
CA ALA B 302 -37.98 10.68 16.94
C ALA B 302 -37.28 10.09 18.19
N ARG B 303 -36.35 9.18 17.94
CA ARG B 303 -35.64 8.47 19.00
C ARG B 303 -34.72 9.39 19.79
N LEU B 304 -34.05 10.32 19.12
CA LEU B 304 -33.14 11.22 19.81
C LEU B 304 -33.91 12.23 20.62
N THR B 305 -35.10 12.57 20.14
CA THR B 305 -35.97 13.58 20.77
C THR B 305 -37.10 12.96 21.56
N HIS B 306 -37.18 11.62 21.60
CA HIS B 306 -38.23 10.92 22.37
C HIS B 306 -39.57 11.53 22.11
N SER B 307 -39.82 11.87 20.82
CA SER B 307 -41.09 12.45 20.34
C SER B 307 -41.62 11.60 19.22
N PRO B 308 -42.89 11.80 18.80
CA PRO B 308 -43.46 11.11 17.62
C PRO B 308 -42.69 11.29 16.30
N VAL B 309 -42.73 10.28 15.43
CA VAL B 309 -42.14 10.33 14.10
C VAL B 309 -42.91 11.38 13.30
N HIS B 310 -42.18 12.27 12.65
CA HIS B 310 -42.77 13.11 11.63
C HIS B 310 -42.14 12.76 10.28
N ASP B 311 -42.95 12.04 9.49
CA ASP B 311 -42.53 11.50 8.20
C ASP B 311 -43.71 11.05 7.35
N ASP B 312 -43.73 11.48 6.10
CA ASP B 312 -44.72 10.91 5.15
CA ASP B 312 -44.72 10.96 5.16
C ASP B 312 -44.06 10.37 3.89
N THR B 313 -42.81 9.93 4.03
CA THR B 313 -42.12 9.29 2.92
C THR B 313 -42.17 7.72 3.01
N SER B 314 -41.19 7.14 3.70
CA SER B 314 -40.99 5.68 3.68
C SER B 314 -41.44 4.96 4.92
N SER B 315 -41.83 5.68 5.96
CA SER B 315 -42.26 5.04 7.21
C SER B 315 -43.68 4.46 7.21
N ASN B 316 -43.84 3.35 7.92
CA ASN B 316 -45.14 2.79 8.15
C ASN B 316 -45.76 3.41 9.42
N HIS B 317 -46.91 4.07 9.26
CA HIS B 317 -47.61 4.80 10.34
C HIS B 317 -48.25 3.92 11.41
N THR B 318 -48.77 2.77 10.99
CA THR B 318 -49.20 1.77 11.91
C THR B 318 -48.03 1.36 12.84
N LEU B 319 -46.94 0.89 12.22
CA LEU B 319 -45.73 0.47 12.91
C LEU B 319 -45.14 1.57 13.83
N ASP B 320 -45.10 2.84 13.36
CA ASP B 320 -44.46 3.89 14.13
C ASP B 320 -45.28 4.63 15.17
N SER B 321 -46.61 4.62 15.07
CA SER B 321 -47.39 5.49 15.99
C SER B 321 -47.79 4.74 17.29
N SER B 322 -47.10 3.62 17.53
CA SER B 322 -47.44 2.68 18.55
C SER B 322 -46.19 2.28 19.32
N PRO B 323 -46.17 2.52 20.68
CA PRO B 323 -44.97 2.28 21.48
C PRO B 323 -44.47 0.84 21.35
N ALA B 324 -45.37 -0.14 21.21
CA ALA B 324 -45.01 -1.57 21.05
C ALA B 324 -44.06 -1.84 19.89
N THR B 325 -44.30 -1.16 18.76
CA THR B 325 -43.58 -1.40 17.52
C THR B 325 -42.65 -0.22 17.17
N PHE B 326 -42.80 0.88 17.89
CA PHE B 326 -41.83 1.94 17.80
C PHE B 326 -41.63 2.69 19.15
N PRO B 327 -40.92 2.08 20.13
CA PRO B 327 -40.82 2.74 21.44
C PRO B 327 -39.81 3.88 21.41
N LEU B 328 -40.08 4.98 22.12
CA LEU B 328 -39.28 6.22 22.01
C LEU B 328 -38.25 6.42 23.12
N ASN B 329 -38.25 5.51 24.08
CA ASN B 329 -37.50 5.74 25.31
C ASN B 329 -36.71 4.54 25.70
N SER B 330 -36.48 3.63 24.74
CA SER B 330 -35.59 2.53 24.99
C SER B 330 -34.30 3.32 25.00
N THR B 331 -33.19 2.65 25.19
CA THR B 331 -31.96 3.43 25.28
C THR B 331 -31.01 2.93 24.23
N LEU B 332 -31.25 1.67 23.85
CA LEU B 332 -30.49 0.98 22.83
C LEU B 332 -31.41 0.44 21.75
N TYR B 333 -30.94 0.49 20.51
CA TYR B 333 -31.74 0.17 19.34
C TYR B 333 -30.78 -0.51 18.37
N ALA B 334 -31.28 -1.55 17.70
CA ALA B 334 -30.51 -2.21 16.70
C ALA B 334 -31.41 -2.42 15.47
N ASP B 335 -30.85 -2.03 14.31
CA ASP B 335 -31.49 -2.20 13.02
C ASP B 335 -30.60 -2.95 12.05
N PHE B 336 -31.21 -3.78 11.21
CA PHE B 336 -30.48 -4.63 10.27
C PHE B 336 -31.07 -4.54 8.86
N SER B 337 -30.23 -4.32 7.85
CA SER B 337 -30.72 -3.95 6.52
C SER B 337 -29.68 -4.29 5.47
N HIS B 338 -29.85 -3.77 4.24
CA HIS B 338 -28.88 -3.95 3.13
C HIS B 338 -28.01 -2.76 2.91
N ASP B 339 -26.91 -3.00 2.20
CA ASP B 339 -26.00 -1.95 1.75
C ASP B 339 -26.71 -0.75 1.13
N ASN B 340 -27.57 -1.03 0.17
CA ASN B 340 -28.16 0.06 -0.61
C ASN B 340 -28.92 1.02 0.27
N GLY B 341 -29.73 0.48 1.19
CA GLY B 341 -30.54 1.35 2.04
C GLY B 341 -29.66 2.09 3.02
N ILE B 342 -28.50 1.52 3.33
CA ILE B 342 -27.60 2.07 4.35
C ILE B 342 -26.85 3.22 3.74
N ILE B 343 -26.51 3.10 2.44
CA ILE B 343 -25.90 4.18 1.71
C ILE B 343 -26.85 5.37 1.79
N SER B 344 -28.09 5.18 1.33
CA SER B 344 -29.11 6.25 1.31
C SER B 344 -29.24 6.91 2.66
N ILE B 345 -29.23 6.07 3.71
CA ILE B 345 -29.36 6.58 5.09
C ILE B 345 -28.18 7.47 5.56
N LEU B 346 -26.96 6.98 5.34
CA LEU B 346 -25.74 7.72 5.60
C LEU B 346 -25.77 9.14 4.97
N PHE B 347 -26.06 9.22 3.66
CA PHE B 347 -26.18 10.52 2.96
C PHE B 347 -27.35 11.40 3.44
N ALA B 348 -28.53 10.85 3.72
CA ALA B 348 -29.64 11.68 4.26
C ALA B 348 -29.34 12.25 5.66
N LEU B 349 -28.40 11.62 6.35
CA LEU B 349 -28.05 12.10 7.70
C LEU B 349 -26.96 13.15 7.59
N GLY B 350 -26.52 13.43 6.36
CA GLY B 350 -25.51 14.42 6.08
C GLY B 350 -24.09 13.96 6.25
N LEU B 351 -23.89 12.71 6.63
CA LEU B 351 -22.55 12.20 6.97
C LEU B 351 -21.53 12.38 5.89
N TYR B 352 -21.96 12.61 4.66
CA TYR B 352 -20.97 12.76 3.60
C TYR B 352 -21.05 14.12 2.85
N ASN B 353 -21.39 15.15 3.61
CA ASN B 353 -21.63 16.46 3.05
C ASN B 353 -20.36 17.32 2.93
N GLY B 354 -19.19 16.69 3.03
CA GLY B 354 -17.91 17.35 2.69
C GLY B 354 -17.24 16.59 1.57
N THR B 355 -17.99 15.66 0.95
CA THR B 355 -17.53 14.79 -0.15
C THR B 355 -18.01 15.32 -1.53
N LYS B 356 -17.05 15.52 -2.46
CA LYS B 356 -17.34 15.98 -3.82
C LYS B 356 -17.73 14.84 -4.76
N PRO B 357 -18.80 15.02 -5.56
CA PRO B 357 -19.31 13.98 -6.44
C PRO B 357 -18.16 13.28 -7.11
N LEU B 358 -18.17 11.96 -7.11
CA LEU B 358 -16.98 11.25 -7.51
C LEU B 358 -16.84 11.38 -8.99
N SER B 359 -15.58 11.49 -9.45
CA SER B 359 -15.26 11.58 -10.88
C SER B 359 -15.74 10.32 -11.56
N THR B 360 -16.37 10.48 -12.73
CA THR B 360 -16.81 9.29 -13.47
C THR B 360 -15.70 8.62 -14.32
N THR B 361 -14.53 9.25 -14.39
CA THR B 361 -13.45 8.91 -15.36
C THR B 361 -12.11 8.49 -14.71
N THR B 362 -11.80 9.09 -13.55
CA THR B 362 -10.56 8.80 -12.81
C THR B 362 -10.83 8.31 -11.36
N VAL B 363 -10.04 7.33 -10.91
CA VAL B 363 -9.89 6.99 -9.49
C VAL B 363 -9.66 8.20 -8.54
N GLU B 364 -10.48 8.26 -7.47
CA GLU B 364 -10.26 9.19 -6.36
C GLU B 364 -9.97 8.42 -5.08
N ASN B 365 -8.82 8.69 -4.44
CA ASN B 365 -8.44 8.04 -3.18
C ASN B 365 -9.31 8.47 -2.00
N ILE B 366 -9.08 7.85 -0.83
CA ILE B 366 -9.98 8.07 0.31
C ILE B 366 -9.91 9.50 0.88
N THR B 367 -8.83 10.23 0.59
CA THR B 367 -8.73 11.67 0.92
C THR B 367 -9.58 12.51 0.00
N GLN B 368 -9.38 12.34 -1.30
CA GLN B 368 -10.17 13.07 -2.29
C GLN B 368 -11.68 12.90 -2.02
N THR B 369 -12.13 11.69 -1.71
CA THR B 369 -13.56 11.49 -1.40
C THR B 369 -13.99 11.85 0.06
N ASP B 370 -13.06 12.46 0.82
CA ASP B 370 -13.29 12.86 2.24
C ASP B 370 -13.89 11.67 3.03
N GLY B 371 -13.29 10.50 2.90
CA GLY B 371 -13.72 9.33 3.66
C GLY B 371 -14.86 8.46 3.12
N PHE B 372 -15.37 8.74 1.92
CA PHE B 372 -16.41 7.89 1.34
C PHE B 372 -15.91 6.81 0.42
N SER B 373 -16.38 5.59 0.64
CA SER B 373 -16.12 4.50 -0.30
C SER B 373 -17.06 3.39 0.11
N SER B 374 -17.37 2.48 -0.80
CA SER B 374 -18.22 1.37 -0.44
C SER B 374 -17.65 0.66 0.72
N ALA B 375 -16.38 0.29 0.56
CA ALA B 375 -15.67 -0.57 1.47
C ALA B 375 -15.55 0.09 2.88
N TRP B 376 -15.39 1.42 2.93
CA TRP B 376 -15.39 2.15 4.20
C TRP B 376 -16.80 2.37 4.77
N THR B 377 -17.86 2.09 4.03
CA THR B 377 -19.20 2.38 4.57
C THR B 377 -20.10 1.14 4.67
N VAL B 378 -20.27 0.43 3.56
CA VAL B 378 -21.11 -0.75 3.52
C VAL B 378 -20.36 -2.02 3.14
N PRO B 379 -19.31 -2.37 3.89
CA PRO B 379 -18.74 -3.69 3.64
C PRO B 379 -19.69 -4.74 4.15
N PHE B 380 -19.38 -6.02 3.93
CA PHE B 380 -20.16 -7.07 4.57
C PHE B 380 -20.11 -6.80 6.08
N ALA B 381 -21.26 -6.95 6.76
CA ALA B 381 -21.37 -6.77 8.22
C ALA B 381 -21.03 -5.35 8.69
N SER B 382 -21.18 -4.36 7.82
CA SER B 382 -20.90 -2.98 8.23
C SER B 382 -21.77 -2.62 9.41
N ARG B 383 -21.30 -1.65 10.19
CA ARG B 383 -22.08 -1.07 11.27
C ARG B 383 -21.99 0.47 11.33
N LEU B 384 -23.14 1.08 11.64
CA LEU B 384 -23.25 2.49 11.94
C LEU B 384 -23.58 2.63 13.42
N TYR B 385 -22.83 3.39 14.20
CA TYR B 385 -23.25 3.68 15.60
C TYR B 385 -23.66 5.16 15.76
N VAL B 386 -24.88 5.41 16.18
CA VAL B 386 -25.24 6.76 16.60
C VAL B 386 -25.16 6.77 18.14
N GLU B 387 -24.37 7.64 18.74
CA GLU B 387 -24.46 7.85 20.21
C GLU B 387 -24.91 9.22 20.59
N MET B 388 -25.47 9.29 21.77
CA MET B 388 -25.79 10.52 22.41
C MET B 388 -25.08 10.40 23.76
N MET B 389 -24.40 11.43 24.21
CA MET B 389 -23.69 11.36 25.48
C MET B 389 -23.97 12.62 26.23
N GLN B 390 -23.84 12.54 27.55
CA GLN B 390 -23.98 13.67 28.43
C GLN B 390 -22.62 13.97 29.03
N CYS B 391 -22.23 15.24 28.98
CA CYS B 391 -20.87 15.58 29.32
C CYS B 391 -20.82 16.58 30.42
N GLN B 392 -19.63 16.71 31.00
CA GLN B 392 -19.41 17.48 32.23
C GLN B 392 -19.66 18.97 32.00
N ALA B 393 -18.96 19.52 31.03
CA ALA B 393 -19.01 20.97 30.81
C ALA B 393 -20.38 21.58 30.32
N GLU B 394 -21.34 20.75 29.88
CA GLU B 394 -22.48 21.22 29.03
C GLU B 394 -23.85 20.64 29.44
N GLN B 395 -24.90 21.45 29.39
CA GLN B 395 -26.25 21.02 29.82
C GLN B 395 -26.98 20.07 28.85
N GLU B 396 -26.62 20.13 27.56
CA GLU B 396 -27.32 19.41 26.46
C GLU B 396 -26.66 18.09 26.01
N PRO B 397 -27.46 17.15 25.51
CA PRO B 397 -26.82 15.96 24.99
C PRO B 397 -26.06 16.25 23.70
N LEU B 398 -24.90 15.64 23.53
CA LEU B 398 -24.09 15.75 22.33
C LEU B 398 -24.22 14.46 21.48
N VAL B 399 -24.46 14.60 20.17
CA VAL B 399 -24.61 13.46 19.29
C VAL B 399 -23.28 13.16 18.68
N ARG B 400 -22.88 11.89 18.66
CA ARG B 400 -21.70 11.54 17.89
C ARG B 400 -22.03 10.37 16.97
N VAL B 401 -21.30 10.23 15.85
CA VAL B 401 -21.55 9.13 14.90
C VAL B 401 -20.28 8.36 14.55
N LEU B 402 -20.29 7.02 14.65
CA LEU B 402 -19.14 6.27 14.05
C LEU B 402 -19.62 5.39 12.92
N VAL B 403 -18.82 5.28 11.85
CA VAL B 403 -19.11 4.46 10.66
C VAL B 403 -17.94 3.48 10.51
N ASN B 404 -18.21 2.22 10.79
CA ASN B 404 -17.22 1.14 10.95
C ASN B 404 -16.00 1.43 11.81
N ASP B 405 -16.23 2.06 12.96
CA ASP B 405 -15.23 2.35 14.05
C ASP B 405 -14.45 3.63 13.87
N ARG B 406 -14.86 4.38 12.85
CA ARG B 406 -14.31 5.70 12.49
C ARG B 406 -15.30 6.81 12.90
N VAL B 407 -14.85 7.75 13.72
CA VAL B 407 -15.68 8.91 14.02
C VAL B 407 -15.81 9.75 12.75
N VAL B 408 -17.05 10.10 12.40
CA VAL B 408 -17.35 10.87 11.21
C VAL B 408 -17.96 12.17 11.72
N PRO B 409 -17.29 13.31 11.47
CA PRO B 409 -17.76 14.59 11.97
C PRO B 409 -19.12 14.96 11.39
N LEU B 410 -20.07 15.30 12.23
CA LEU B 410 -21.37 15.75 11.75
C LEU B 410 -21.32 16.98 10.80
N HIS B 411 -22.23 16.99 9.84
CA HIS B 411 -22.39 18.17 9.01
C HIS B 411 -23.74 18.79 9.27
N GLY B 412 -23.85 20.09 8.97
CA GLY B 412 -25.12 20.80 9.05
C GLY B 412 -25.35 21.41 10.40
N CYS B 413 -24.30 21.37 11.23
CA CYS B 413 -24.36 21.89 12.60
C CYS B 413 -22.97 22.26 13.15
N PRO B 414 -22.94 23.10 14.21
CA PRO B 414 -21.60 23.52 14.68
C PRO B 414 -20.86 22.35 15.32
N VAL B 415 -20.14 21.54 14.52
CA VAL B 415 -19.31 20.45 15.10
C VAL B 415 -18.22 20.98 15.96
N ASP B 416 -17.88 20.25 17.02
CA ASP B 416 -16.70 20.53 17.84
C ASP B 416 -15.53 19.66 17.34
N ALA B 417 -14.36 19.78 17.95
CA ALA B 417 -13.16 19.07 17.43
C ALA B 417 -13.23 17.55 17.67
N LEU B 418 -14.23 17.09 18.44
CA LEU B 418 -14.43 15.68 18.73
C LEU B 418 -15.52 15.07 17.83
N GLY B 419 -15.92 15.78 16.77
CA GLY B 419 -16.91 15.28 15.84
C GLY B 419 -18.39 15.46 16.17
N ARG B 420 -18.70 16.11 17.30
CA ARG B 420 -20.04 16.08 17.89
C ARG B 420 -20.85 17.34 17.67
N CYS B 421 -22.15 17.21 17.61
CA CYS B 421 -22.99 18.40 17.70
C CYS B 421 -23.91 18.20 18.87
N THR B 422 -24.36 19.29 19.45
CA THR B 422 -25.50 19.22 20.37
C THR B 422 -26.73 18.65 19.65
N ARG B 423 -27.56 17.91 20.38
CA ARG B 423 -28.67 17.21 19.79
C ARG B 423 -29.66 18.13 19.09
N ASP B 424 -29.98 19.27 19.72
CA ASP B 424 -30.95 20.20 19.13
C ASP B 424 -30.45 20.76 17.81
N SER B 425 -29.15 21.04 17.74
CA SER B 425 -28.61 21.62 16.52
C SER B 425 -28.43 20.54 15.42
N PHE B 426 -28.04 19.33 15.80
CA PHE B 426 -28.02 18.20 14.86
C PHE B 426 -29.40 17.94 14.25
N VAL B 427 -30.46 18.05 15.06
CA VAL B 427 -31.81 17.79 14.58
C VAL B 427 -32.21 18.87 13.61
N ARG B 428 -32.04 20.11 14.03
CA ARG B 428 -32.24 21.29 13.15
C ARG B 428 -31.48 21.20 11.83
N GLY B 429 -30.27 20.61 11.79
CA GLY B 429 -29.49 20.52 10.55
C GLY B 429 -30.08 19.55 9.52
N LEU B 430 -30.93 18.64 9.99
CA LEU B 430 -31.55 17.62 9.13
C LEU B 430 -32.91 18.06 8.63
N SER B 431 -32.98 19.34 8.23
CA SER B 431 -34.13 19.93 7.54
C SER B 431 -34.46 19.22 6.26
N PHE B 432 -33.45 18.65 5.60
CA PHE B 432 -33.68 17.95 4.35
C PHE B 432 -34.63 16.81 4.67
N ALA B 433 -34.25 15.91 5.58
CA ALA B 433 -35.16 14.80 5.97
C ALA B 433 -36.45 15.34 6.62
N ARG B 434 -36.30 16.45 7.35
CA ARG B 434 -37.41 16.91 8.19
C ARG B 434 -38.54 17.41 7.29
N SER B 435 -38.18 17.92 6.10
CA SER B 435 -39.15 18.47 5.14
C SER B 435 -39.74 17.40 4.23
N GLY B 436 -39.21 16.19 4.36
CA GLY B 436 -39.61 15.08 3.49
C GLY B 436 -38.69 14.85 2.29
N GLY B 437 -37.50 15.48 2.31
CA GLY B 437 -36.54 15.40 1.19
C GLY B 437 -37.19 15.70 -0.13
N ASP B 438 -36.90 14.91 -1.16
CA ASP B 438 -37.56 15.03 -2.47
C ASP B 438 -38.54 13.91 -2.69
N TRP B 439 -39.08 13.37 -1.60
CA TRP B 439 -40.05 12.29 -1.73
C TRP B 439 -41.19 12.60 -2.74
N ALA B 440 -41.65 13.87 -2.85
CA ALA B 440 -42.76 14.24 -3.77
C ALA B 440 -42.44 13.93 -5.24
N GLU B 441 -41.15 13.85 -5.56
CA GLU B 441 -40.68 13.62 -6.93
C GLU B 441 -40.65 12.16 -7.28
N CYS B 442 -41.13 11.32 -6.36
CA CYS B 442 -41.18 9.88 -6.56
C CYS B 442 -42.27 9.52 -7.58
N PHE B 443 -43.14 10.48 -7.86
CA PHE B 443 -44.39 10.19 -8.57
C PHE B 443 -44.64 11.01 -9.83
N ALA B 444 -44.28 12.28 -9.81
CA ALA B 444 -44.20 13.06 -11.06
C ALA B 444 -42.78 13.02 -11.72
C1 NAG C . 16.18 37.16 -9.34
C2 NAG C . 16.57 36.15 -10.41
C3 NAG C . 17.99 36.34 -10.93
C4 NAG C . 18.12 37.76 -11.41
C5 NAG C . 17.90 38.60 -10.15
C6 NAG C . 18.26 40.08 -10.31
C7 NAG C . 15.42 34.06 -9.72
C8 NAG C . 15.72 32.68 -9.21
N2 NAG C . 16.50 34.80 -9.92
O3 NAG C . 18.34 35.45 -11.97
O4 NAG C . 19.39 37.92 -12.01
O5 NAG C . 16.53 38.45 -9.82
O6 NAG C . 17.37 40.70 -11.21
O7 NAG C . 14.26 34.47 -9.89
C1 NAG D . 47.63 -0.91 -2.76
C2 NAG D . 48.01 0.53 -3.14
C3 NAG D . 49.06 1.17 -2.22
C4 NAG D . 48.67 1.01 -0.74
C5 NAG D . 48.35 -0.50 -0.53
C6 NAG D . 48.11 -1.00 0.90
C7 NAG D . 47.46 1.17 -5.40
C8 NAG D . 47.86 1.34 -6.82
N2 NAG D . 48.38 0.72 -4.56
O3 NAG D . 49.01 2.51 -2.61
O4 NAG D . 49.60 1.57 0.19
O5 NAG D . 47.27 -0.90 -1.38
O6 NAG D . 46.93 -0.44 1.45
O7 NAG D . 46.31 1.43 -5.04
C1 NAG E . 26.23 -9.24 -20.92
C2 NAG E . 27.35 -10.24 -21.11
C3 NAG E . 28.62 -9.59 -21.65
C4 NAG E . 28.27 -8.63 -22.80
C5 NAG E . 27.05 -7.76 -22.47
C6 NAG E . 26.60 -6.85 -23.62
C7 NAG E . 27.07 -11.96 -19.49
C8 NAG E . 27.41 -12.36 -18.09
N2 NAG E . 27.59 -10.79 -19.83
O3 NAG E . 29.52 -10.64 -22.06
O4 NAG E . 29.38 -7.79 -23.10
O5 NAG E . 25.99 -8.60 -22.13
O6 NAG E . 27.75 -6.27 -24.12
O7 NAG E . 26.39 -12.66 -20.25
C1 NAG F . -16.36 -20.48 -25.84
C2 NAG F . -16.61 -18.96 -25.71
C3 NAG F . -18.01 -18.57 -26.20
C4 NAG F . -18.20 -19.08 -27.63
C5 NAG F . -17.99 -20.60 -27.62
C6 NAG F . -18.10 -21.19 -29.04
C7 NAG F . -15.38 -18.02 -23.79
C8 NAG F . -15.50 -17.53 -22.36
N2 NAG F . -16.50 -18.48 -24.34
O3 NAG F . -18.22 -17.18 -26.14
O4 NAG F . -19.49 -18.74 -28.08
O5 NAG F . -16.71 -20.97 -27.11
O6 NAG F . -17.17 -20.52 -29.87
O7 NAG F . -14.30 -17.99 -24.41
C1 NAG G . -47.67 -1.44 8.08
C2 NAG G . -47.96 -2.04 6.70
C3 NAG G . -49.02 -3.13 6.80
C4 NAG G . -48.56 -4.20 7.79
C5 NAG G . -48.18 -3.53 9.13
C6 NAG G . -47.60 -4.47 10.19
C7 NAG G . -47.43 -0.62 4.78
C8 NAG G . -47.92 0.47 3.85
N2 NAG G . -48.30 -1.00 5.72
O3 NAG G . -49.12 -3.74 5.52
O4 NAG G . -49.52 -5.23 7.96
O5 NAG G . -47.23 -2.51 8.89
O6 NAG G . -46.38 -5.06 9.79
O7 NAG G . -46.32 -1.13 4.64
C1 NAG H . -26.28 17.86 2.94
C2 NAG H . -27.36 18.60 3.74
C3 NAG H . -28.71 18.62 3.06
C4 NAG H . -28.57 19.00 1.59
C5 NAG H . -27.50 18.20 0.86
C6 NAG H . -27.43 18.73 -0.57
C7 NAG H . -26.94 18.40 6.05
C8 NAG H . -27.21 17.66 7.31
N2 NAG H . -27.59 17.95 4.98
O3 NAG H . -29.48 19.58 3.77
O4 NAG H . -29.82 18.78 0.93
O5 NAG H . -26.25 18.26 1.57
O6 NAG H . -26.48 17.99 -1.33
O7 NAG H . -26.16 19.36 5.98
#